data_1UKV
#
_entry.id   1UKV
#
_cell.length_a   47.503
_cell.length_b   119.577
_cell.length_c   60.723
_cell.angle_alpha   90.00
_cell.angle_beta   90.61
_cell.angle_gamma   90.00
#
_symmetry.space_group_name_H-M   'P 1 21 1'
#
loop_
_entity.id
_entity.type
_entity.pdbx_description
1 polymer 'Secretory pathway GDP dissociation inhibitor'
2 polymer 'GTP-binding protein YPT1'
3 non-polymer 'MAGNESIUM ION'
4 non-polymer 'GERAN-8-YL GERAN'
5 non-polymer "GUANOSINE-5'-DIPHOSPHATE"
6 water water
#
loop_
_entity_poly.entity_id
_entity_poly.type
_entity_poly.pdbx_seq_one_letter_code
_entity_poly.pdbx_strand_id
1 'polypeptide(L)'
;GHMDQETIDTDYDVIVLGTGITECILSGLLSVDGKKVLHIDKQDHYGGEAASVTLSQLYEKFKQNPISKEERESKFGKDR
DWNVDLIPKFLMANGELTNILIHTDVTRYVDFKQVSGSYVFKQGKIYKVPANEIEAISSPLMGIFEKRRMKKFLEWISSY
KEDDLSTHQGLDLDKNTMDEVYYKFGLGNSTKEFIGHAMALWTNDDYLQQPARPSFERILLYCQSVARYGKSPYLYPMYG
LGELPQGFARLSAIYGGTYMLDTPIDEVLYKKDTGKFEGVKTKLGTFKAPLVIADPTYFPEKCKSTGQRVIRAICILNHP
VPNTSNADSLQIIIPQSQLGRKSDIYVAIVSDAHNVCSKGHYLAIISTIIETDKPHIELEPAFKLLGPIEEKFMGIAELF
EPREDGSKDNIYLSRSYDASSHFESMTDDVKDIYFRVTGHPLVLKQRQEQEKQ
;
G
2 'polypeptide(L)'
;MNSEYDYLFKLLLIGNSGVGKSCLLLRFSDDTYTNDYISTIGVDFKIKTVELDGKTVKLQIWDTAGQERFRTITSSYYRG
SHGIIIVYDVTDQESFNGVKMWLQEIDRYATSTVLKLLVGNKCDLKDKRVVEYDVAKEFADANKMPFLETSALDSTNVED
AFLTMARQIKESMSQQNLNETTQKKEDKGNVNLKGQSLTNTGGGCC
;
Y
#
loop_
_chem_comp.id
_chem_comp.type
_chem_comp.name
_chem_comp.formula
GDP RNA linking GUANOSINE-5'-DIPHOSPHATE 'C10 H15 N5 O11 P2'
GER non-polymer 'GERAN-8-YL GERAN' 'C20 H34'
MG non-polymer 'MAGNESIUM ION' 'Mg 2'
#
# COMPACT_ATOMS: atom_id res chain seq x y z
N THR A 7 4.15 -16.36 27.44
CA THR A 7 2.75 -16.60 27.00
C THR A 7 2.61 -16.46 25.49
N ILE A 8 3.72 -16.47 24.78
CA ILE A 8 3.64 -16.36 23.34
C ILE A 8 3.78 -17.75 22.72
N ASP A 9 2.83 -18.17 21.90
CA ASP A 9 2.92 -19.46 21.24
C ASP A 9 4.30 -19.63 20.59
N THR A 10 4.86 -20.82 20.64
CA THR A 10 6.16 -21.04 20.04
C THR A 10 6.01 -21.65 18.64
N ASP A 11 4.88 -22.30 18.34
CA ASP A 11 4.73 -22.97 17.04
C ASP A 11 3.81 -22.29 16.04
N TYR A 12 4.27 -22.19 14.78
CA TYR A 12 3.51 -21.58 13.70
C TYR A 12 3.61 -22.42 12.42
N ASP A 13 2.69 -22.20 11.49
CA ASP A 13 2.79 -22.88 10.19
C ASP A 13 3.83 -22.19 9.32
N VAL A 14 3.93 -20.87 9.46
CA VAL A 14 4.81 -20.06 8.64
C VAL A 14 5.36 -18.87 9.40
N ILE A 15 6.64 -18.61 9.24
CA ILE A 15 7.24 -17.41 9.81
C ILE A 15 7.61 -16.52 8.61
N VAL A 16 7.26 -15.25 8.66
CA VAL A 16 7.55 -14.32 7.58
C VAL A 16 8.46 -13.21 8.11
N LEU A 17 9.56 -12.93 7.42
CA LEU A 17 10.50 -11.90 7.86
C LEU A 17 10.55 -10.72 6.89
N GLY A 18 10.27 -9.53 7.42
CA GLY A 18 10.24 -8.33 6.58
C GLY A 18 8.82 -7.99 6.16
N THR A 19 8.44 -6.72 6.26
CA THR A 19 7.11 -6.32 5.88
C THR A 19 7.00 -5.53 4.56
N GLY A 20 7.89 -5.83 3.63
CA GLY A 20 7.70 -5.31 2.29
C GLY A 20 6.37 -5.85 1.76
N ILE A 21 5.83 -5.24 0.71
CA ILE A 21 4.56 -5.64 0.16
C ILE A 21 4.52 -7.13 -0.31
N THR A 22 5.59 -7.66 -0.89
CA THR A 22 5.55 -9.06 -1.29
C THR A 22 5.27 -9.96 -0.08
N GLU A 23 6.02 -9.78 0.99
CA GLU A 23 5.82 -10.59 2.21
C GLU A 23 4.44 -10.32 2.85
N CYS A 24 3.98 -9.07 2.87
CA CYS A 24 2.66 -8.81 3.48
C CYS A 24 1.53 -9.44 2.67
N ILE A 25 1.60 -9.44 1.34
CA ILE A 25 0.54 -10.08 0.57
C ILE A 25 0.57 -11.58 0.90
N LEU A 26 1.75 -12.20 0.90
CA LEU A 26 1.84 -13.63 1.21
C LEU A 26 1.31 -13.89 2.61
N SER A 27 1.65 -13.06 3.59
CA SER A 27 1.15 -13.26 4.95
C SER A 27 -0.37 -13.21 4.96
N GLY A 28 -0.95 -12.21 4.33
CA GLY A 28 -2.39 -12.13 4.29
C GLY A 28 -3.06 -13.33 3.62
N LEU A 29 -2.53 -13.75 2.48
CA LEU A 29 -3.10 -14.87 1.77
C LEU A 29 -2.96 -16.15 2.57
N LEU A 30 -1.82 -16.39 3.20
CA LEU A 30 -1.65 -17.62 3.99
C LEU A 30 -2.57 -17.59 5.23
N SER A 31 -2.74 -16.44 5.86
CA SER A 31 -3.67 -16.37 7.00
C SER A 31 -5.08 -16.61 6.53
N VAL A 32 -5.47 -16.07 5.39
CA VAL A 32 -6.81 -16.31 4.87
C VAL A 32 -6.98 -17.82 4.59
N ASP A 33 -5.91 -18.50 4.16
CA ASP A 33 -5.94 -19.94 3.90
C ASP A 33 -6.10 -20.72 5.22
N GLY A 34 -6.00 -20.05 6.36
CA GLY A 34 -6.11 -20.77 7.62
C GLY A 34 -4.78 -21.13 8.25
N LYS A 35 -3.66 -20.66 7.69
CA LYS A 35 -2.35 -20.94 8.28
C LYS A 35 -2.09 -20.02 9.47
N LYS A 36 -1.35 -20.49 10.48
CA LYS A 36 -0.99 -19.71 11.66
C LYS A 36 0.35 -19.02 11.33
N VAL A 37 0.30 -17.71 11.14
CA VAL A 37 1.47 -16.98 10.69
C VAL A 37 2.08 -16.05 11.71
N LEU A 38 3.40 -16.04 11.82
CA LEU A 38 4.11 -15.07 12.68
C LEU A 38 4.91 -14.18 11.70
N HIS A 39 4.67 -12.87 11.71
CA HIS A 39 5.33 -11.93 10.79
C HIS A 39 6.15 -10.96 11.61
N ILE A 40 7.46 -11.00 11.40
CA ILE A 40 8.40 -10.19 12.16
C ILE A 40 9.19 -9.25 11.28
N ASP A 41 9.45 -8.03 11.75
CA ASP A 41 10.31 -7.11 11.02
C ASP A 41 11.33 -6.55 11.99
N LYS A 42 12.60 -6.49 11.58
N LYS A 42 12.60 -6.48 11.58
CA LYS A 42 13.65 -5.94 12.41
CA LYS A 42 13.65 -5.91 12.43
C LYS A 42 13.54 -4.41 12.42
C LYS A 42 13.49 -4.40 12.47
N GLN A 43 12.80 -3.84 11.46
CA GLN A 43 12.58 -2.39 11.38
C GLN A 43 11.37 -1.94 12.22
N ASP A 44 11.32 -0.67 12.59
CA ASP A 44 10.23 -0.17 13.43
C ASP A 44 8.99 0.31 12.68
N HIS A 45 8.83 -0.04 11.41
CA HIS A 45 7.68 0.38 10.60
C HIS A 45 7.42 -0.63 9.51
N TYR A 46 6.25 -0.58 8.90
CA TYR A 46 5.90 -1.48 7.80
C TYR A 46 6.45 -1.00 6.47
N GLY A 47 6.60 -1.92 5.52
CA GLY A 47 6.99 -1.54 4.18
C GLY A 47 8.27 -2.04 3.60
N GLY A 48 9.22 -2.41 4.44
CA GLY A 48 10.47 -2.90 3.92
C GLY A 48 11.11 -1.89 2.97
N GLU A 49 11.75 -2.39 1.91
CA GLU A 49 12.43 -1.49 1.01
C GLU A 49 11.50 -0.59 0.17
N ALA A 50 10.21 -0.91 0.05
CA ALA A 50 9.30 -0.08 -0.71
C ALA A 50 8.33 0.73 0.22
N ALA A 51 8.80 1.02 1.42
CA ALA A 51 8.00 1.83 2.34
C ALA A 51 7.83 3.26 1.82
N SER A 52 6.83 3.98 2.34
CA SER A 52 6.66 5.40 2.07
C SER A 52 7.10 6.05 3.37
N VAL A 53 7.91 7.08 3.31
CA VAL A 53 8.42 7.68 4.54
C VAL A 53 8.08 9.16 4.68
N THR A 54 8.22 9.68 5.89
CA THR A 54 7.95 11.09 6.10
C THR A 54 9.14 11.90 5.59
N LEU A 55 8.98 13.22 5.49
CA LEU A 55 10.08 14.05 5.01
C LEU A 55 11.28 14.03 5.98
N SER A 56 11.05 14.09 7.29
CA SER A 56 12.16 14.03 8.21
C SER A 56 12.90 12.67 8.04
N GLN A 57 12.15 11.59 7.81
CA GLN A 57 12.77 10.29 7.59
C GLN A 57 13.57 10.30 6.28
N LEU A 58 13.07 11.00 5.26
CA LEU A 58 13.78 11.09 4.00
C LEU A 58 15.14 11.80 4.20
N TYR A 59 15.18 12.89 4.96
CA TYR A 59 16.44 13.56 5.23
C TYR A 59 17.38 12.66 6.00
N GLU A 60 16.88 11.95 7.00
CA GLU A 60 17.76 11.09 7.77
C GLU A 60 18.40 9.99 6.91
N LYS A 61 17.62 9.46 5.97
CA LYS A 61 18.12 8.39 5.12
C LYS A 61 19.05 8.83 3.97
N PHE A 62 18.83 10.01 3.38
CA PHE A 62 19.60 10.42 2.20
C PHE A 62 20.50 11.65 2.34
N LYS A 63 20.48 12.34 3.46
CA LYS A 63 21.31 13.54 3.59
C LYS A 63 22.35 13.43 4.69
N GLN A 64 23.43 14.19 4.57
CA GLN A 64 24.48 14.17 5.56
C GLN A 64 24.07 14.91 6.83
N ASN A 65 23.45 16.08 6.70
CA ASN A 65 23.05 16.89 7.84
C ASN A 65 21.59 17.29 7.77
N PRO A 66 20.68 16.41 8.20
CA PRO A 66 19.24 16.67 8.18
C PRO A 66 18.94 18.07 8.73
N ILE A 67 18.02 18.78 8.10
CA ILE A 67 17.66 20.12 8.55
C ILE A 67 16.75 20.09 9.76
N SER A 68 16.64 21.22 10.45
CA SER A 68 15.81 21.31 11.64
C SER A 68 14.31 21.20 11.33
N LYS A 69 13.52 20.88 12.34
CA LYS A 69 12.08 20.81 12.15
C LYS A 69 11.54 22.19 11.75
N GLU A 70 12.05 23.26 12.36
CA GLU A 70 11.59 24.60 12.01
C GLU A 70 11.82 24.91 10.52
N GLU A 71 13.03 24.64 10.01
CA GLU A 71 13.34 24.90 8.62
C GLU A 71 12.52 24.01 7.69
N ARG A 72 12.39 22.73 8.04
CA ARG A 72 11.61 21.83 7.22
C ARG A 72 10.15 22.28 7.14
N GLU A 73 9.52 22.62 8.24
CA GLU A 73 8.13 23.03 8.17
C GLU A 73 7.92 24.36 7.44
N SER A 74 8.84 25.31 7.54
CA SER A 74 8.60 26.57 6.82
C SER A 74 8.65 26.34 5.31
N LYS A 75 9.51 25.43 4.87
CA LYS A 75 9.64 25.17 3.45
C LYS A 75 8.65 24.10 2.96
N PHE A 76 8.36 23.09 3.77
CA PHE A 76 7.51 21.98 3.31
C PHE A 76 6.25 21.68 4.10
N GLY A 77 5.99 22.38 5.19
CA GLY A 77 4.78 22.10 5.94
C GLY A 77 4.94 20.96 6.94
N LYS A 78 3.80 20.46 7.43
CA LYS A 78 3.78 19.39 8.44
C LYS A 78 4.30 18.03 7.93
N ASP A 79 5.19 17.40 8.69
CA ASP A 79 5.76 16.10 8.36
C ASP A 79 4.64 15.07 8.03
N ARG A 80 3.51 15.19 8.71
CA ARG A 80 2.37 14.28 8.50
C ARG A 80 1.75 14.36 7.09
N ASP A 81 1.97 15.45 6.36
CA ASP A 81 1.43 15.59 5.01
C ASP A 81 2.29 14.82 4.01
N TRP A 82 3.43 14.32 4.42
CA TRP A 82 4.34 13.65 3.49
C TRP A 82 4.39 12.12 3.63
N ASN A 83 4.20 11.45 2.50
CA ASN A 83 4.29 9.98 2.42
C ASN A 83 5.05 9.70 1.13
N VAL A 84 6.37 9.67 1.24
CA VAL A 84 7.23 9.57 0.08
C VAL A 84 7.70 8.16 -0.20
N ASP A 85 7.32 7.64 -1.36
CA ASP A 85 7.75 6.29 -1.75
C ASP A 85 9.29 6.22 -1.90
N LEU A 86 9.92 5.17 -1.38
CA LEU A 86 11.36 4.99 -1.59
C LEU A 86 11.58 4.35 -2.96
N ILE A 87 10.60 3.56 -3.41
CA ILE A 87 10.68 2.86 -4.70
C ILE A 87 9.40 3.13 -5.45
N PRO A 88 9.49 3.86 -6.58
CA PRO A 88 8.28 4.18 -7.33
C PRO A 88 7.58 3.06 -8.03
N LYS A 89 6.27 2.99 -7.87
CA LYS A 89 5.45 2.01 -8.56
C LYS A 89 4.03 2.49 -8.76
N PHE A 90 3.47 2.28 -9.94
CA PHE A 90 2.08 2.54 -10.16
C PHE A 90 1.37 1.17 -10.22
N LEU A 91 0.05 1.17 -10.23
CA LEU A 91 -0.69 -0.09 -10.38
C LEU A 91 -1.42 -0.13 -11.72
N MET A 92 -1.19 -1.14 -12.55
CA MET A 92 -2.00 -1.22 -13.75
C MET A 92 -3.46 -1.40 -13.30
N ALA A 93 -4.39 -0.61 -13.83
CA ALA A 93 -5.79 -0.69 -13.39
C ALA A 93 -6.43 -2.06 -13.56
N ASN A 94 -5.96 -2.87 -14.50
CA ASN A 94 -6.51 -4.21 -14.63
C ASN A 94 -5.47 -5.27 -14.26
N GLY A 95 -4.43 -4.89 -13.54
CA GLY A 95 -3.38 -5.79 -13.14
C GLY A 95 -3.74 -6.78 -12.03
N GLU A 96 -2.82 -7.68 -11.74
CA GLU A 96 -3.10 -8.68 -10.73
C GLU A 96 -3.22 -8.09 -9.35
N LEU A 97 -2.50 -7.02 -9.01
CA LEU A 97 -2.68 -6.49 -7.67
C LEU A 97 -4.12 -5.99 -7.51
N THR A 98 -4.73 -5.37 -8.52
CA THR A 98 -6.11 -4.95 -8.34
C THR A 98 -7.01 -6.17 -8.12
N ASN A 99 -6.72 -7.28 -8.81
CA ASN A 99 -7.49 -8.50 -8.63
C ASN A 99 -7.34 -9.04 -7.17
N ILE A 100 -6.15 -9.00 -6.61
CA ILE A 100 -5.94 -9.47 -5.25
C ILE A 100 -6.64 -8.51 -4.30
N LEU A 101 -6.54 -7.20 -4.55
CA LEU A 101 -7.19 -6.22 -3.68
C LEU A 101 -8.70 -6.42 -3.59
N ILE A 102 -9.37 -6.71 -4.70
CA ILE A 102 -10.81 -6.89 -4.70
C ILE A 102 -11.21 -8.19 -4.03
N HIS A 103 -10.46 -9.26 -4.25
CA HIS A 103 -10.81 -10.54 -3.67
C HIS A 103 -10.61 -10.59 -2.16
N THR A 104 -9.62 -9.86 -1.66
CA THR A 104 -9.30 -9.84 -0.24
C THR A 104 -9.99 -8.67 0.48
N ASP A 105 -10.67 -7.81 -0.27
CA ASP A 105 -11.31 -6.62 0.28
C ASP A 105 -10.31 -5.69 0.97
N VAL A 106 -9.04 -5.72 0.59
CA VAL A 106 -8.07 -4.82 1.15
C VAL A 106 -8.38 -3.38 0.65
N THR A 107 -9.31 -3.27 -0.30
CA THR A 107 -9.82 -1.98 -0.74
C THR A 107 -10.48 -1.27 0.48
N ARG A 108 -10.81 -2.04 1.51
CA ARG A 108 -11.37 -1.43 2.73
C ARG A 108 -10.33 -0.59 3.45
N TYR A 109 -9.07 -0.87 3.25
CA TYR A 109 -7.97 -0.18 3.96
C TYR A 109 -7.15 0.74 3.10
N VAL A 110 -7.44 0.78 1.81
CA VAL A 110 -6.65 1.63 0.89
C VAL A 110 -7.55 2.20 -0.22
N ASP A 111 -7.50 3.52 -0.42
CA ASP A 111 -8.27 4.15 -1.50
C ASP A 111 -7.33 4.42 -2.68
N PHE A 112 -7.87 4.44 -3.89
CA PHE A 112 -7.06 4.65 -5.09
C PHE A 112 -7.58 5.73 -5.96
N LYS A 113 -6.68 6.50 -6.55
CA LYS A 113 -7.09 7.54 -7.46
C LYS A 113 -6.36 7.34 -8.78
N GLN A 114 -6.99 7.67 -9.91
CA GLN A 114 -6.32 7.52 -11.19
C GLN A 114 -5.11 8.39 -11.34
N VAL A 115 -4.15 7.93 -12.14
CA VAL A 115 -2.97 8.75 -12.48
C VAL A 115 -3.43 9.51 -13.76
N SER A 116 -3.17 10.81 -13.87
CA SER A 116 -3.69 11.58 -15.01
C SER A 116 -3.26 11.15 -16.40
N GLY A 117 -2.07 10.60 -16.54
CA GLY A 117 -1.62 10.19 -17.86
C GLY A 117 -0.20 9.66 -17.87
N SER A 118 0.19 9.15 -19.04
CA SER A 118 1.54 8.63 -19.25
C SER A 118 2.10 9.41 -20.44
N TYR A 119 3.33 9.90 -20.33
CA TYR A 119 3.94 10.68 -21.40
C TYR A 119 5.17 9.98 -21.92
N VAL A 120 5.44 10.10 -23.22
CA VAL A 120 6.62 9.48 -23.75
C VAL A 120 7.55 10.55 -24.30
N PHE A 121 8.84 10.39 -24.08
CA PHE A 121 9.86 11.33 -24.52
C PHE A 121 10.33 11.06 -25.95
N LYS A 122 10.41 12.10 -26.75
CA LYS A 122 10.93 11.97 -28.09
C LYS A 122 11.71 13.23 -28.45
N GLN A 123 13.02 13.06 -28.62
CA GLN A 123 13.91 14.15 -28.99
C GLN A 123 13.76 15.41 -28.11
N GLY A 124 13.85 15.26 -26.80
CA GLY A 124 13.79 16.40 -25.90
C GLY A 124 12.43 16.90 -25.46
N LYS A 125 11.37 16.39 -26.09
CA LYS A 125 10.02 16.81 -25.73
C LYS A 125 9.20 15.66 -25.22
N ILE A 126 8.16 15.93 -24.45
CA ILE A 126 7.31 14.83 -24.02
C ILE A 126 5.92 14.96 -24.65
N TYR A 127 5.29 13.83 -24.90
CA TYR A 127 3.98 13.77 -25.53
C TYR A 127 3.06 12.88 -24.75
N LYS A 128 1.82 13.30 -24.49
CA LYS A 128 0.91 12.44 -23.76
C LYS A 128 0.51 11.24 -24.60
N VAL A 129 0.67 10.05 -24.06
CA VAL A 129 0.24 8.85 -24.77
C VAL A 129 -1.29 8.86 -24.78
N PRO A 130 -1.91 8.62 -25.93
CA PRO A 130 -3.37 8.62 -26.01
C PRO A 130 -4.05 7.68 -24.99
N ALA A 131 -5.20 8.12 -24.47
CA ALA A 131 -5.96 7.32 -23.51
C ALA A 131 -7.37 7.12 -24.00
N ASN A 132 -7.71 7.71 -25.14
CA ASN A 132 -9.01 7.56 -25.76
C ASN A 132 -8.88 7.78 -27.29
N GLU A 133 -9.94 7.55 -28.06
CA GLU A 133 -9.80 7.70 -29.52
C GLU A 133 -9.56 9.14 -29.98
N ILE A 134 -10.19 10.12 -29.34
CA ILE A 134 -9.96 11.49 -29.73
C ILE A 134 -8.46 11.85 -29.57
N GLU A 135 -7.82 11.41 -28.50
CA GLU A 135 -6.40 11.69 -28.31
C GLU A 135 -5.56 10.93 -29.33
N ALA A 136 -5.98 9.71 -29.67
CA ALA A 136 -5.21 8.94 -30.62
C ALA A 136 -5.22 9.63 -32.00
N ILE A 137 -6.36 10.19 -32.39
CA ILE A 137 -6.48 10.92 -33.65
C ILE A 137 -5.62 12.19 -33.63
N SER A 138 -5.59 12.89 -32.49
CA SER A 138 -4.84 14.12 -32.34
C SER A 138 -3.34 13.92 -32.22
N SER A 139 -2.90 12.80 -31.65
CA SER A 139 -1.50 12.61 -31.41
C SER A 139 -0.60 12.71 -32.62
N PRO A 140 0.51 13.44 -32.50
CA PRO A 140 1.46 13.62 -33.59
C PRO A 140 2.52 12.50 -33.51
N LEU A 141 2.37 11.57 -32.57
CA LEU A 141 3.36 10.50 -32.43
C LEU A 141 3.43 9.59 -33.67
N MET A 142 2.36 9.52 -34.45
CA MET A 142 2.33 8.69 -35.65
C MET A 142 1.73 9.45 -36.82
N GLY A 143 2.15 9.12 -38.04
CA GLY A 143 1.60 9.77 -39.21
C GLY A 143 0.27 9.11 -39.57
N ILE A 144 -0.45 9.70 -40.51
CA ILE A 144 -1.75 9.20 -40.91
C ILE A 144 -1.74 7.74 -41.41
N PHE A 145 -0.85 7.39 -42.33
CA PHE A 145 -0.85 6.02 -42.81
C PHE A 145 -0.39 5.02 -41.76
N GLU A 146 0.59 5.39 -40.93
CA GLU A 146 1.03 4.48 -39.88
C GLU A 146 -0.11 4.29 -38.83
N LYS A 147 -0.92 5.31 -38.56
CA LYS A 147 -2.03 5.11 -37.61
C LYS A 147 -3.03 4.08 -38.15
N ARG A 148 -3.29 4.07 -39.46
CA ARG A 148 -4.20 3.06 -40.00
C ARG A 148 -3.63 1.65 -39.73
N ARG A 149 -2.33 1.45 -39.87
CA ARG A 149 -1.73 0.14 -39.61
C ARG A 149 -1.80 -0.17 -38.11
N MET A 150 -1.53 0.84 -37.28
CA MET A 150 -1.59 0.67 -35.84
C MET A 150 -2.99 0.25 -35.43
N LYS A 151 -4.01 0.84 -36.04
CA LYS A 151 -5.39 0.52 -35.71
C LYS A 151 -5.70 -0.96 -36.01
N LYS A 152 -5.21 -1.49 -37.13
CA LYS A 152 -5.45 -2.91 -37.44
C LYS A 152 -4.78 -3.79 -36.40
N PHE A 153 -3.61 -3.39 -35.95
CA PHE A 153 -2.87 -4.13 -34.94
C PHE A 153 -3.65 -4.14 -33.61
N LEU A 154 -4.20 -2.99 -33.20
CA LEU A 154 -4.97 -2.96 -31.96
C LEU A 154 -6.26 -3.75 -32.09
N GLU A 155 -6.87 -3.75 -33.27
CA GLU A 155 -8.10 -4.52 -33.48
C GLU A 155 -7.78 -6.02 -33.32
N TRP A 156 -6.60 -6.45 -33.76
CA TRP A 156 -6.20 -7.85 -33.59
C TRP A 156 -5.97 -8.15 -32.10
N ILE A 157 -5.31 -7.25 -31.37
CA ILE A 157 -5.08 -7.44 -29.94
C ILE A 157 -6.44 -7.69 -29.26
N SER A 158 -7.47 -6.92 -29.60
CA SER A 158 -8.75 -7.10 -28.92
C SER A 158 -9.64 -8.24 -29.45
N SER A 159 -9.58 -8.58 -30.72
CA SER A 159 -10.42 -9.66 -31.24
C SER A 159 -9.75 -11.04 -31.11
N TYR A 160 -8.47 -11.07 -30.79
CA TYR A 160 -7.79 -12.35 -30.65
C TYR A 160 -8.42 -13.21 -29.53
N LYS A 161 -8.75 -14.46 -29.85
CA LYS A 161 -9.26 -15.40 -28.87
C LYS A 161 -8.37 -16.64 -28.95
N GLU A 162 -7.76 -17.05 -27.84
CA GLU A 162 -6.88 -18.20 -27.91
C GLU A 162 -7.54 -19.45 -28.53
N ASP A 163 -8.76 -19.77 -28.08
CA ASP A 163 -9.53 -20.94 -28.54
C ASP A 163 -10.08 -20.83 -29.97
N ASP A 164 -9.96 -19.69 -30.64
CA ASP A 164 -10.51 -19.57 -31.99
C ASP A 164 -9.42 -19.22 -33.01
N LEU A 165 -8.94 -20.21 -33.75
CA LEU A 165 -7.89 -19.98 -34.73
C LEU A 165 -8.24 -18.95 -35.79
N SER A 166 -9.52 -18.75 -36.11
CA SER A 166 -9.88 -17.78 -37.14
C SER A 166 -9.64 -16.33 -36.70
N THR A 167 -9.28 -16.12 -35.44
CA THR A 167 -9.03 -14.75 -34.96
C THR A 167 -7.55 -14.47 -34.84
N HIS A 168 -6.71 -15.45 -35.15
CA HIS A 168 -5.26 -15.29 -35.00
C HIS A 168 -4.57 -14.58 -36.18
N GLN A 169 -5.29 -14.38 -37.28
CA GLN A 169 -4.75 -13.74 -38.47
C GLN A 169 -3.44 -14.36 -38.92
N GLY A 170 -3.34 -15.68 -38.81
CA GLY A 170 -2.16 -16.40 -39.25
C GLY A 170 -0.96 -16.36 -38.34
N LEU A 171 -1.11 -15.74 -37.17
CA LEU A 171 -0.02 -15.65 -36.22
C LEU A 171 -0.16 -16.64 -35.06
N ASP A 172 0.96 -17.07 -34.50
CA ASP A 172 1.00 -17.96 -33.36
C ASP A 172 1.82 -17.30 -32.26
N LEU A 173 1.21 -16.94 -31.13
CA LEU A 173 1.94 -16.24 -30.10
C LEU A 173 3.13 -16.98 -29.49
N ASP A 174 3.19 -18.30 -29.63
CA ASP A 174 4.31 -19.05 -29.08
C ASP A 174 5.42 -19.31 -30.11
N LYS A 175 5.06 -19.45 -31.39
CA LYS A 175 6.06 -19.72 -32.43
C LYS A 175 6.60 -18.42 -33.04
N ASN A 176 5.73 -17.43 -33.25
CA ASN A 176 6.15 -16.17 -33.84
C ASN A 176 6.82 -15.22 -32.83
N THR A 177 7.84 -14.47 -33.26
CA THR A 177 8.48 -13.49 -32.38
C THR A 177 7.65 -12.19 -32.44
N MET A 178 7.85 -11.27 -31.52
CA MET A 178 7.08 -10.04 -31.61
C MET A 178 7.45 -9.27 -32.88
N ASP A 179 8.71 -9.34 -33.29
CA ASP A 179 9.11 -8.67 -34.52
C ASP A 179 8.33 -9.22 -35.73
N GLU A 180 8.00 -10.51 -35.73
CA GLU A 180 7.22 -11.10 -36.81
C GLU A 180 5.78 -10.61 -36.73
N VAL A 181 5.30 -10.35 -35.52
CA VAL A 181 3.96 -9.81 -35.38
C VAL A 181 3.93 -8.40 -35.98
N TYR A 182 4.94 -7.60 -35.65
CA TYR A 182 5.06 -6.25 -36.18
C TYR A 182 5.11 -6.30 -37.71
N TYR A 183 5.87 -7.24 -38.27
CA TYR A 183 5.96 -7.38 -39.71
C TYR A 183 4.63 -7.69 -40.36
N LYS A 184 3.87 -8.61 -39.79
CA LYS A 184 2.57 -8.93 -40.36
C LYS A 184 1.70 -7.64 -40.51
N PHE A 185 1.79 -6.72 -39.56
CA PHE A 185 1.02 -5.49 -39.62
C PHE A 185 1.77 -4.33 -40.30
N GLY A 186 2.99 -4.59 -40.78
CA GLY A 186 3.76 -3.57 -41.48
C GLY A 186 4.10 -2.36 -40.65
N LEU A 187 4.37 -2.57 -39.36
CA LEU A 187 4.70 -1.45 -38.49
C LEU A 187 6.17 -1.04 -38.54
N GLY A 188 6.42 0.24 -38.73
CA GLY A 188 7.80 0.72 -38.77
C GLY A 188 8.49 0.78 -37.43
N ASN A 189 9.77 1.09 -37.45
CA ASN A 189 10.58 1.15 -36.25
C ASN A 189 10.05 2.14 -35.18
N SER A 190 9.59 3.31 -35.57
CA SER A 190 9.11 4.24 -34.57
C SER A 190 7.87 3.67 -33.86
N THR A 191 7.02 2.95 -34.59
CA THR A 191 5.82 2.36 -34.01
C THR A 191 6.23 1.19 -33.11
N LYS A 192 7.23 0.42 -33.50
CA LYS A 192 7.70 -0.68 -32.65
C LYS A 192 8.16 -0.09 -31.33
N GLU A 193 8.89 1.04 -31.36
CA GLU A 193 9.37 1.66 -30.13
C GLU A 193 8.20 2.08 -29.25
N PHE A 194 7.20 2.73 -29.84
CA PHE A 194 6.05 3.19 -29.08
C PHE A 194 5.32 2.00 -28.44
N ILE A 195 5.03 0.97 -29.22
CA ILE A 195 4.34 -0.19 -28.65
C ILE A 195 5.19 -0.88 -27.61
N GLY A 196 6.44 -1.17 -27.92
CA GLY A 196 7.31 -1.85 -26.97
C GLY A 196 7.61 -1.12 -25.68
N HIS A 197 7.81 0.19 -25.76
CA HIS A 197 8.16 0.95 -24.57
C HIS A 197 7.02 1.69 -23.91
N ALA A 198 6.03 2.17 -24.66
CA ALA A 198 4.92 2.91 -24.06
C ALA A 198 3.73 2.04 -23.71
N MET A 199 3.53 0.90 -24.37
CA MET A 199 2.39 0.03 -24.06
C MET A 199 2.82 -1.28 -23.37
N ALA A 200 3.77 -2.02 -23.94
CA ALA A 200 4.24 -3.25 -23.29
C ALA A 200 5.18 -2.93 -22.10
N LEU A 201 5.72 -1.72 -22.08
CA LEU A 201 6.63 -1.26 -21.04
C LEU A 201 7.89 -2.13 -20.85
N TRP A 202 8.48 -2.58 -21.96
CA TRP A 202 9.74 -3.31 -21.92
C TRP A 202 10.84 -2.23 -21.76
N THR A 203 11.90 -2.50 -21.01
CA THR A 203 12.91 -1.48 -20.81
C THR A 203 13.98 -1.46 -21.90
N ASN A 204 13.92 -2.40 -22.83
CA ASN A 204 14.86 -2.48 -23.96
C ASN A 204 14.19 -3.24 -25.11
N ASP A 205 14.90 -3.50 -26.20
CA ASP A 205 14.29 -4.20 -27.33
C ASP A 205 14.55 -5.71 -27.40
N ASP A 206 15.01 -6.33 -26.32
CA ASP A 206 15.25 -7.76 -26.36
C ASP A 206 13.98 -8.54 -26.72
N TYR A 207 12.79 -8.06 -26.34
CA TYR A 207 11.56 -8.76 -26.64
C TYR A 207 11.31 -8.98 -28.15
N LEU A 208 11.92 -8.18 -29.02
CA LEU A 208 11.69 -8.32 -30.46
C LEU A 208 11.98 -9.73 -30.99
N GLN A 209 13.01 -10.38 -30.46
CA GLN A 209 13.38 -11.70 -30.92
C GLN A 209 12.86 -12.84 -30.03
N GLN A 210 11.92 -12.55 -29.14
CA GLN A 210 11.37 -13.57 -28.25
C GLN A 210 9.92 -13.89 -28.63
N PRO A 211 9.37 -15.04 -28.22
CA PRO A 211 8.00 -15.39 -28.54
C PRO A 211 7.10 -14.19 -28.24
N ALA A 212 6.10 -13.95 -29.09
CA ALA A 212 5.21 -12.82 -28.93
C ALA A 212 4.30 -12.87 -27.71
N ARG A 213 3.90 -14.05 -27.25
CA ARG A 213 2.96 -14.17 -26.12
C ARG A 213 3.11 -13.15 -24.95
N PRO A 214 4.27 -13.07 -24.27
CA PRO A 214 4.39 -12.09 -23.17
C PRO A 214 4.15 -10.64 -23.59
N SER A 215 4.63 -10.26 -24.77
CA SER A 215 4.40 -8.90 -25.26
C SER A 215 2.90 -8.69 -25.52
N PHE A 216 2.25 -9.67 -26.16
CA PHE A 216 0.82 -9.59 -26.44
C PHE A 216 0.05 -9.40 -25.14
N GLU A 217 0.39 -10.20 -24.13
CA GLU A 217 -0.30 -10.09 -22.84
C GLU A 217 -0.09 -8.72 -22.21
N ARG A 218 1.12 -8.17 -22.27
CA ARG A 218 1.39 -6.85 -21.70
C ARG A 218 0.64 -5.76 -22.45
N ILE A 219 0.59 -5.83 -23.78
CA ILE A 219 -0.14 -4.84 -24.55
C ILE A 219 -1.64 -4.93 -24.28
N LEU A 220 -2.19 -6.13 -24.19
CA LEU A 220 -3.60 -6.30 -23.89
C LEU A 220 -3.87 -5.75 -22.45
N LEU A 221 -2.97 -6.01 -21.50
CA LEU A 221 -3.14 -5.51 -20.14
C LEU A 221 -3.19 -3.98 -20.13
N TYR A 222 -2.32 -3.36 -20.93
CA TYR A 222 -2.32 -1.90 -21.01
C TYR A 222 -3.66 -1.40 -21.55
N CYS A 223 -4.12 -1.96 -22.66
CA CYS A 223 -5.39 -1.54 -23.23
C CYS A 223 -6.56 -1.74 -22.27
N GLN A 224 -6.61 -2.89 -21.60
CA GLN A 224 -7.69 -3.14 -20.67
C GLN A 224 -7.58 -2.19 -19.49
N SER A 225 -6.36 -1.86 -19.06
CA SER A 225 -6.19 -0.96 -17.93
C SER A 225 -6.65 0.46 -18.27
N VAL A 226 -6.35 0.96 -19.46
CA VAL A 226 -6.82 2.28 -19.84
C VAL A 226 -8.35 2.30 -19.93
N ALA A 227 -8.94 1.21 -20.41
CA ALA A 227 -10.38 1.09 -20.56
C ALA A 227 -11.13 1.05 -19.23
N ARG A 228 -10.47 0.69 -18.14
CA ARG A 228 -11.18 0.64 -16.85
C ARG A 228 -11.72 2.01 -16.40
N TYR A 229 -10.93 3.07 -16.46
CA TYR A 229 -11.39 4.38 -16.01
C TYR A 229 -10.99 5.52 -16.94
N GLY A 230 -10.33 5.22 -18.05
CA GLY A 230 -9.88 6.28 -18.94
C GLY A 230 -8.63 6.92 -18.37
N LYS A 231 -8.23 8.03 -18.99
CA LYS A 231 -7.07 8.87 -18.61
C LYS A 231 -5.69 8.23 -18.72
N SER A 232 -5.50 7.05 -18.14
CA SER A 232 -4.22 6.38 -18.21
C SER A 232 -4.39 4.93 -17.75
N PRO A 233 -3.34 4.12 -17.87
CA PRO A 233 -3.53 2.73 -17.43
C PRO A 233 -3.29 2.57 -15.93
N TYR A 234 -3.01 3.65 -15.21
CA TYR A 234 -2.61 3.52 -13.81
C TYR A 234 -3.49 4.08 -12.70
N LEU A 235 -3.34 3.40 -11.57
CA LEU A 235 -3.93 3.86 -10.31
C LEU A 235 -2.79 4.08 -9.33
N TYR A 236 -3.02 4.89 -8.31
CA TYR A 236 -2.03 5.13 -7.30
C TYR A 236 -2.77 5.25 -5.97
N PRO A 237 -2.23 4.66 -4.89
CA PRO A 237 -2.95 4.77 -3.62
C PRO A 237 -2.89 6.10 -2.89
N MET A 238 -4.03 6.52 -2.36
CA MET A 238 -4.03 7.71 -1.51
C MET A 238 -3.11 7.43 -0.30
N TYR A 239 -2.25 8.38 0.04
CA TYR A 239 -1.28 8.30 1.12
C TYR A 239 -0.04 7.51 0.79
N GLY A 240 0.09 7.06 -0.46
CA GLY A 240 1.35 6.42 -0.79
C GLY A 240 1.40 4.91 -0.84
N LEU A 241 2.47 4.37 -1.45
CA LEU A 241 2.54 2.92 -1.57
C LEU A 241 2.61 2.21 -0.23
N GLY A 242 3.08 2.87 0.82
CA GLY A 242 3.16 2.22 2.14
C GLY A 242 1.80 1.79 2.66
N GLU A 243 0.71 2.32 2.12
CA GLU A 243 -0.61 1.90 2.58
C GLU A 243 -0.85 0.44 2.17
N LEU A 244 -0.24 -0.02 1.08
CA LEU A 244 -0.46 -1.39 0.63
C LEU A 244 0.06 -2.48 1.59
N PRO A 245 1.35 -2.49 1.99
CA PRO A 245 1.78 -3.54 2.93
C PRO A 245 0.99 -3.41 4.24
N GLN A 246 0.66 -2.20 4.65
CA GLN A 246 -0.10 -2.08 5.89
C GLN A 246 -1.50 -2.71 5.75
N GLY A 247 -2.13 -2.59 4.60
CA GLY A 247 -3.45 -3.18 4.40
C GLY A 247 -3.39 -4.68 4.40
N PHE A 248 -2.40 -5.25 3.74
CA PHE A 248 -2.30 -6.70 3.72
C PHE A 248 -1.88 -7.22 5.09
N ALA A 249 -1.08 -6.48 5.84
CA ALA A 249 -0.73 -6.91 7.20
C ALA A 249 -2.01 -6.91 8.06
N ARG A 250 -2.88 -5.91 7.88
CA ARG A 250 -4.16 -5.91 8.63
C ARG A 250 -4.99 -7.13 8.21
N LEU A 251 -5.04 -7.45 6.92
CA LEU A 251 -5.78 -8.65 6.49
C LEU A 251 -5.20 -9.87 7.20
N SER A 252 -3.88 -10.01 7.24
CA SER A 252 -3.30 -11.19 7.92
C SER A 252 -3.70 -11.22 9.41
N ALA A 253 -3.61 -10.07 10.06
CA ALA A 253 -3.96 -9.96 11.48
C ALA A 253 -5.43 -10.35 11.71
N ILE A 254 -6.33 -9.86 10.85
CA ILE A 254 -7.74 -10.21 11.01
C ILE A 254 -7.91 -11.73 10.95
N TYR A 255 -7.18 -12.40 10.06
CA TYR A 255 -7.30 -13.84 9.94
C TYR A 255 -6.35 -14.64 10.84
N GLY A 256 -5.84 -14.04 11.91
CA GLY A 256 -5.03 -14.77 12.87
C GLY A 256 -3.55 -14.51 12.93
N GLY A 257 -3.04 -13.68 12.02
CA GLY A 257 -1.62 -13.39 12.01
C GLY A 257 -1.11 -12.62 13.22
N THR A 258 0.13 -12.87 13.59
CA THR A 258 0.75 -12.21 14.73
C THR A 258 1.91 -11.36 14.24
N TYR A 259 1.96 -10.09 14.64
CA TYR A 259 2.95 -9.14 14.18
C TYR A 259 3.91 -8.61 15.23
N MET A 260 5.21 -8.53 14.89
CA MET A 260 6.24 -7.99 15.76
C MET A 260 7.10 -7.05 14.95
N LEU A 261 7.23 -5.80 15.37
CA LEU A 261 8.11 -4.86 14.68
C LEU A 261 9.30 -4.56 15.59
N ASP A 262 10.33 -3.89 15.07
CA ASP A 262 11.50 -3.55 15.87
C ASP A 262 12.03 -4.77 16.63
N THR A 263 12.02 -5.91 15.96
CA THR A 263 12.42 -7.16 16.56
C THR A 263 13.50 -7.85 15.71
N PRO A 264 14.76 -7.65 16.05
CA PRO A 264 15.81 -8.28 15.27
C PRO A 264 15.81 -9.80 15.39
N ILE A 265 16.36 -10.46 14.39
CA ILE A 265 16.49 -11.90 14.41
C ILE A 265 17.87 -12.22 15.01
N ASP A 266 17.91 -12.65 16.26
CA ASP A 266 19.17 -12.92 16.93
C ASP A 266 19.90 -14.05 16.26
N GLU A 267 19.14 -15.03 15.81
CA GLU A 267 19.73 -16.19 15.16
C GLU A 267 18.69 -16.98 14.41
N VAL A 268 19.03 -17.48 13.23
CA VAL A 268 18.13 -18.35 12.51
C VAL A 268 18.49 -19.77 12.93
N LEU A 269 17.51 -20.60 13.24
CA LEU A 269 17.78 -21.97 13.67
C LEU A 269 17.60 -22.96 12.54
N TYR A 270 18.50 -23.94 12.42
CA TYR A 270 18.41 -24.95 11.38
C TYR A 270 18.35 -26.36 11.93
N LYS A 271 17.71 -27.27 11.22
CA LYS A 271 17.66 -28.66 11.63
C LYS A 271 19.08 -29.26 11.55
N LYS A 272 19.55 -29.86 12.63
CA LYS A 272 20.89 -30.44 12.70
C LYS A 272 21.38 -31.11 11.41
N ASP A 273 22.54 -30.67 10.93
CA ASP A 273 23.20 -31.20 9.73
C ASP A 273 22.35 -31.20 8.43
N THR A 274 21.22 -30.50 8.37
CA THR A 274 20.41 -30.53 7.14
C THR A 274 20.29 -29.19 6.41
N GLY A 275 20.63 -28.09 7.06
CA GLY A 275 20.52 -26.78 6.40
C GLY A 275 19.08 -26.30 6.22
N LYS A 276 18.12 -27.04 6.78
CA LYS A 276 16.71 -26.69 6.67
C LYS A 276 16.25 -25.77 7.81
N PHE A 277 15.50 -24.73 7.47
CA PHE A 277 15.00 -23.80 8.47
C PHE A 277 14.15 -24.50 9.51
N GLU A 278 14.33 -24.10 10.78
CA GLU A 278 13.58 -24.64 11.90
C GLU A 278 12.89 -23.50 12.68
N GLY A 279 13.51 -22.33 12.74
CA GLY A 279 12.89 -21.25 13.48
C GLY A 279 13.79 -20.06 13.66
N VAL A 280 13.40 -19.14 14.53
CA VAL A 280 14.19 -17.95 14.80
C VAL A 280 14.27 -17.64 16.30
N LYS A 281 15.38 -17.07 16.73
CA LYS A 281 15.52 -16.66 18.12
C LYS A 281 15.41 -15.14 18.15
N THR A 282 14.59 -14.59 19.05
CA THR A 282 14.45 -13.14 19.15
C THR A 282 14.42 -12.69 20.61
N LYS A 283 14.39 -11.39 20.86
CA LYS A 283 14.36 -10.89 22.23
C LYS A 283 13.05 -11.31 22.95
N LEU A 284 12.03 -11.75 22.21
CA LEU A 284 10.75 -12.17 22.80
C LEU A 284 10.67 -13.68 22.95
N GLY A 285 11.69 -14.40 22.48
CA GLY A 285 11.67 -15.84 22.58
C GLY A 285 12.02 -16.52 21.27
N THR A 286 11.92 -17.84 21.26
CA THR A 286 12.23 -18.65 20.08
C THR A 286 10.95 -19.16 19.46
N PHE A 287 10.81 -18.96 18.16
CA PHE A 287 9.62 -19.34 17.42
C PHE A 287 9.93 -20.32 16.33
N LYS A 288 9.09 -21.33 16.16
CA LYS A 288 9.33 -22.37 15.18
C LYS A 288 8.27 -22.51 14.16
N ALA A 289 8.69 -22.92 12.96
CA ALA A 289 7.78 -23.18 11.86
C ALA A 289 8.52 -24.02 10.83
N PRO A 290 7.80 -24.83 10.05
CA PRO A 290 8.48 -25.66 9.05
C PRO A 290 9.07 -24.86 7.90
N LEU A 291 8.70 -23.59 7.72
CA LEU A 291 9.26 -22.80 6.64
C LEU A 291 9.22 -21.31 6.95
N VAL A 292 10.08 -20.58 6.25
CA VAL A 292 10.18 -19.14 6.42
C VAL A 292 10.06 -18.47 5.07
N ILE A 293 9.40 -17.33 5.02
CA ILE A 293 9.30 -16.49 3.82
C ILE A 293 10.03 -15.20 4.19
N ALA A 294 10.93 -14.70 3.36
CA ALA A 294 11.69 -13.52 3.79
C ALA A 294 12.27 -12.72 2.65
N ASP A 295 12.59 -11.47 2.90
CA ASP A 295 13.25 -10.71 1.85
C ASP A 295 14.78 -10.94 1.93
N PRO A 296 15.52 -10.57 0.88
CA PRO A 296 16.97 -10.77 0.87
C PRO A 296 17.76 -10.22 2.06
N THR A 297 17.28 -9.19 2.77
CA THR A 297 18.07 -8.66 3.87
C THR A 297 18.19 -9.60 5.05
N TYR A 298 17.34 -10.63 5.12
CA TYR A 298 17.42 -11.58 6.24
C TYR A 298 18.32 -12.77 5.94
N PHE A 299 18.62 -13.01 4.66
CA PHE A 299 19.47 -14.14 4.26
C PHE A 299 20.35 -13.72 3.09
N PRO A 300 21.23 -12.75 3.31
CA PRO A 300 22.10 -12.31 2.22
C PRO A 300 22.95 -13.42 1.61
N GLU A 301 23.40 -14.37 2.41
CA GLU A 301 24.21 -15.46 1.90
C GLU A 301 23.43 -16.38 0.96
N LYS A 302 22.10 -16.39 1.05
CA LYS A 302 21.27 -17.23 0.20
C LYS A 302 20.77 -16.49 -1.04
N CYS A 303 21.25 -15.28 -1.26
CA CYS A 303 20.84 -14.52 -2.44
C CYS A 303 22.04 -14.13 -3.28
N LYS A 304 21.78 -13.65 -4.47
CA LYS A 304 22.85 -13.23 -5.35
C LYS A 304 22.44 -11.99 -6.13
N SER A 305 23.41 -11.20 -6.56
CA SER A 305 23.07 -10.03 -7.34
C SER A 305 22.61 -10.39 -8.75
N THR A 306 21.63 -9.68 -9.29
CA THR A 306 21.18 -9.93 -10.65
C THR A 306 22.15 -9.22 -11.60
N GLY A 307 23.05 -8.42 -11.04
CA GLY A 307 24.00 -7.68 -11.84
C GLY A 307 23.52 -6.27 -12.15
N GLN A 308 22.27 -5.97 -11.79
CA GLN A 308 21.73 -4.64 -12.06
C GLN A 308 21.70 -3.76 -10.81
N ARG A 309 22.03 -2.48 -10.98
CA ARG A 309 21.96 -1.51 -9.89
C ARG A 309 21.00 -0.44 -10.37
N VAL A 310 20.09 0.01 -9.52
CA VAL A 310 19.11 0.98 -9.93
C VAL A 310 19.30 2.31 -9.22
N ILE A 311 19.41 3.42 -9.95
CA ILE A 311 19.53 4.70 -9.26
C ILE A 311 18.12 5.30 -9.17
N ARG A 312 17.75 5.75 -7.98
CA ARG A 312 16.46 6.36 -7.79
C ARG A 312 16.69 7.76 -7.22
N ALA A 313 16.21 8.78 -7.94
CA ALA A 313 16.36 10.17 -7.49
C ALA A 313 14.97 10.72 -7.11
N ILE A 314 14.75 10.93 -5.82
CA ILE A 314 13.48 11.47 -5.35
C ILE A 314 13.57 13.01 -5.34
N CYS A 315 12.77 13.67 -6.17
CA CYS A 315 12.81 15.12 -6.29
C CYS A 315 11.56 15.81 -5.78
N ILE A 316 11.75 16.88 -5.03
CA ILE A 316 10.61 17.66 -4.59
C ILE A 316 10.53 18.96 -5.44
N LEU A 317 9.38 19.22 -6.02
CA LEU A 317 9.14 20.43 -6.80
C LEU A 317 8.09 21.28 -6.11
N ASN A 318 8.12 22.59 -6.37
N ASN A 318 8.07 22.59 -6.37
CA ASN A 318 7.16 23.53 -5.81
CA ASN A 318 7.05 23.44 -5.78
C ASN A 318 6.22 24.01 -6.94
C ASN A 318 6.11 23.94 -6.88
N HIS A 319 6.11 23.22 -8.00
CA HIS A 319 5.28 23.56 -9.15
C HIS A 319 5.01 22.31 -10.00
N PRO A 320 4.00 22.32 -10.87
CA PRO A 320 3.71 21.14 -11.71
C PRO A 320 4.89 20.89 -12.71
N VAL A 321 4.96 19.68 -13.22
CA VAL A 321 6.00 19.38 -14.19
C VAL A 321 5.68 20.12 -15.48
N PRO A 322 6.70 20.71 -16.10
CA PRO A 322 6.47 21.44 -17.36
C PRO A 322 5.87 20.55 -18.45
N ASN A 323 5.11 21.16 -19.34
CA ASN A 323 4.48 20.49 -20.45
C ASN A 323 3.66 19.26 -20.10
N THR A 324 2.90 19.34 -19.01
CA THR A 324 1.98 18.28 -18.66
C THR A 324 0.58 18.83 -18.39
N SER A 325 0.29 20.05 -18.87
CA SER A 325 -1.04 20.63 -18.65
C SER A 325 -1.39 20.68 -17.14
N ASN A 326 -0.38 20.91 -16.31
CA ASN A 326 -0.57 20.99 -14.86
C ASN A 326 -1.19 19.74 -14.27
N ALA A 327 -0.82 18.59 -14.82
CA ALA A 327 -1.34 17.31 -14.33
C ALA A 327 -1.01 17.08 -12.83
N ASP A 328 -1.92 16.44 -12.10
CA ASP A 328 -1.65 16.19 -10.68
C ASP A 328 -0.80 14.93 -10.48
N SER A 329 -0.66 14.12 -11.53
CA SER A 329 0.13 12.89 -11.47
C SER A 329 0.37 12.39 -12.87
N LEU A 330 1.50 11.74 -13.11
CA LEU A 330 1.77 11.19 -14.42
C LEU A 330 3.00 10.30 -14.39
N GLN A 331 3.15 9.55 -15.49
CA GLN A 331 4.36 8.80 -15.71
C GLN A 331 5.05 9.43 -16.92
N ILE A 332 6.37 9.52 -16.88
CA ILE A 332 7.12 9.89 -18.07
C ILE A 332 8.02 8.68 -18.40
N ILE A 333 8.00 8.26 -19.66
CA ILE A 333 8.83 7.18 -20.14
C ILE A 333 9.87 7.74 -21.10
N ILE A 334 11.15 7.52 -20.84
CA ILE A 334 12.20 7.96 -21.76
C ILE A 334 12.79 6.68 -22.40
N PRO A 335 12.34 6.32 -23.62
CA PRO A 335 12.85 5.11 -24.30
C PRO A 335 14.36 5.16 -24.46
N GLN A 336 15.05 4.06 -24.21
CA GLN A 336 16.49 4.09 -24.29
C GLN A 336 17.00 4.43 -25.69
N SER A 337 16.20 4.18 -26.73
CA SER A 337 16.63 4.53 -28.07
C SER A 337 16.80 6.06 -28.22
N GLN A 338 16.08 6.84 -27.41
CA GLN A 338 16.15 8.30 -27.52
C GLN A 338 17.42 8.86 -26.88
N LEU A 339 18.18 8.05 -26.16
CA LEU A 339 19.38 8.52 -25.49
C LEU A 339 20.59 7.62 -25.74
N GLY A 340 20.46 6.65 -26.64
CA GLY A 340 21.57 5.74 -26.89
C GLY A 340 21.89 4.90 -25.67
N ARG A 341 20.86 4.56 -24.90
CA ARG A 341 21.05 3.77 -23.69
C ARG A 341 20.66 2.32 -23.86
N LYS A 342 20.87 1.53 -22.80
CA LYS A 342 20.48 0.13 -22.79
C LYS A 342 19.17 -0.06 -22.01
N SER A 343 18.81 0.90 -21.16
CA SER A 343 17.58 0.81 -20.37
C SER A 343 16.78 2.10 -20.38
N ASP A 344 15.46 2.01 -20.32
CA ASP A 344 14.62 3.22 -20.30
C ASP A 344 14.79 3.98 -18.98
N ILE A 345 14.49 5.28 -18.99
CA ILE A 345 14.47 6.06 -17.75
C ILE A 345 13.01 6.38 -17.48
N TYR A 346 12.56 6.21 -16.24
CA TYR A 346 11.18 6.53 -15.90
C TYR A 346 11.11 7.70 -14.92
N VAL A 347 9.98 8.37 -14.94
CA VAL A 347 9.72 9.39 -13.95
C VAL A 347 8.31 9.11 -13.45
N ALA A 348 8.14 9.07 -12.13
CA ALA A 348 6.85 8.87 -11.51
C ALA A 348 6.49 10.15 -10.71
N ILE A 349 5.39 10.77 -11.10
CA ILE A 349 4.99 12.04 -10.48
C ILE A 349 3.61 11.97 -9.80
N VAL A 350 3.61 12.37 -8.53
CA VAL A 350 2.38 12.43 -7.72
C VAL A 350 2.43 13.70 -6.90
N SER A 351 1.30 14.11 -6.33
CA SER A 351 1.30 15.39 -5.61
C SER A 351 0.30 15.41 -4.46
N ASP A 352 -0.17 16.58 -4.04
CA ASP A 352 -1.11 16.58 -2.93
C ASP A 352 -2.43 15.93 -3.27
N ALA A 353 -2.77 15.74 -4.55
CA ALA A 353 -4.01 15.10 -4.91
C ALA A 353 -4.00 13.63 -4.42
N HIS A 354 -2.82 13.07 -4.18
CA HIS A 354 -2.77 11.69 -3.67
C HIS A 354 -2.30 11.67 -2.22
N ASN A 355 -2.35 12.81 -1.55
CA ASN A 355 -1.95 12.92 -0.15
C ASN A 355 -0.54 12.39 0.15
N VAL A 356 0.43 12.69 -0.71
CA VAL A 356 1.80 12.25 -0.49
C VAL A 356 2.74 13.42 -0.14
N CYS A 357 2.24 14.65 -0.26
CA CYS A 357 3.05 15.82 0.09
C CYS A 357 2.10 16.98 0.41
N SER A 358 2.65 18.05 0.99
CA SER A 358 1.84 19.20 1.31
C SER A 358 1.40 19.98 0.06
N LYS A 359 0.33 20.75 0.24
CA LYS A 359 -0.24 21.53 -0.83
C LYS A 359 0.80 22.34 -1.61
N GLY A 360 0.73 22.29 -2.93
CA GLY A 360 1.66 23.04 -3.75
C GLY A 360 2.92 22.31 -4.19
N HIS A 361 3.27 21.22 -3.53
CA HIS A 361 4.47 20.49 -3.92
C HIS A 361 4.13 19.30 -4.81
N TYR A 362 5.15 18.83 -5.51
CA TYR A 362 5.03 17.62 -6.32
C TYR A 362 6.20 16.72 -6.05
N LEU A 363 5.97 15.42 -6.13
CA LEU A 363 7.05 14.49 -5.95
C LEU A 363 7.34 13.89 -7.33
N ALA A 364 8.60 13.90 -7.74
CA ALA A 364 8.98 13.32 -9.03
C ALA A 364 10.14 12.37 -8.77
N ILE A 365 9.90 11.07 -8.93
CA ILE A 365 10.96 10.12 -8.67
C ILE A 365 11.48 9.57 -10.01
N ILE A 366 12.75 9.78 -10.25
CA ILE A 366 13.37 9.35 -11.50
C ILE A 366 14.15 8.05 -11.27
N SER A 367 14.06 7.10 -12.18
CA SER A 367 14.88 5.92 -11.96
C SER A 367 15.30 5.24 -13.24
N THR A 368 16.43 4.56 -13.14
CA THR A 368 16.90 3.76 -14.26
C THR A 368 17.96 2.78 -13.81
N ILE A 369 18.22 1.79 -14.66
CA ILE A 369 19.28 0.85 -14.39
C ILE A 369 20.60 1.52 -14.79
N ILE A 370 21.58 1.54 -13.90
CA ILE A 370 22.85 2.18 -14.14
C ILE A 370 23.70 1.50 -15.22
N GLU A 371 24.21 2.27 -16.16
CA GLU A 371 25.08 1.70 -17.20
C GLU A 371 26.38 2.49 -17.37
N THR A 372 26.64 3.49 -16.53
CA THR A 372 27.90 4.24 -16.65
C THR A 372 28.58 4.45 -15.31
N ASP A 373 29.74 5.09 -15.34
CA ASP A 373 30.54 5.38 -14.15
C ASP A 373 30.03 6.62 -13.40
N LYS A 374 29.16 7.38 -14.03
CA LYS A 374 28.60 8.57 -13.41
C LYS A 374 27.08 8.48 -13.43
N PRO A 375 26.51 7.67 -12.53
CA PRO A 375 25.06 7.46 -12.44
C PRO A 375 24.25 8.77 -12.39
N HIS A 376 24.69 9.76 -11.62
CA HIS A 376 23.94 11.02 -11.56
C HIS A 376 23.80 11.69 -12.92
N ILE A 377 24.83 11.61 -13.77
CA ILE A 377 24.80 12.20 -15.11
C ILE A 377 23.80 11.47 -16.04
N GLU A 378 23.64 10.16 -15.87
CA GLU A 378 22.69 9.44 -16.70
C GLU A 378 21.28 10.01 -16.55
N LEU A 379 20.98 10.59 -15.39
CA LEU A 379 19.63 11.12 -15.18
C LEU A 379 19.44 12.57 -15.65
N GLU A 380 20.49 13.25 -16.10
CA GLU A 380 20.33 14.63 -16.52
C GLU A 380 19.16 14.88 -17.50
N PRO A 381 18.94 14.03 -18.52
CA PRO A 381 17.81 14.29 -19.42
C PRO A 381 16.49 14.30 -18.68
N ALA A 382 16.36 13.48 -17.64
CA ALA A 382 15.12 13.47 -16.88
C ALA A 382 15.06 14.68 -15.94
N PHE A 383 16.14 15.02 -15.27
CA PHE A 383 16.11 16.20 -14.40
C PHE A 383 15.70 17.42 -15.22
N LYS A 384 16.20 17.53 -16.44
CA LYS A 384 15.84 18.70 -17.27
C LYS A 384 14.35 18.82 -17.56
N LEU A 385 13.60 17.73 -17.54
CA LEU A 385 12.16 17.78 -17.79
C LEU A 385 11.37 18.33 -16.59
N LEU A 386 12.01 18.45 -15.43
CA LEU A 386 11.24 18.84 -14.24
C LEU A 386 11.18 20.31 -13.95
N GLY A 387 12.01 21.12 -14.59
CA GLY A 387 12.01 22.52 -14.22
C GLY A 387 12.79 22.64 -12.92
N PRO A 388 12.71 23.78 -12.23
CA PRO A 388 13.46 23.92 -10.97
C PRO A 388 13.13 22.85 -9.94
N ILE A 389 14.18 22.28 -9.35
CA ILE A 389 14.04 21.22 -8.34
C ILE A 389 14.40 21.79 -6.98
N GLU A 390 13.51 21.67 -6.01
CA GLU A 390 13.75 22.20 -4.67
C GLU A 390 14.76 21.35 -3.90
N GLU A 391 14.60 20.03 -3.97
CA GLU A 391 15.46 19.12 -3.25
C GLU A 391 15.53 17.75 -3.95
N LYS A 392 16.68 17.12 -3.89
CA LYS A 392 16.90 15.78 -4.48
C LYS A 392 17.41 14.83 -3.39
N PHE A 393 16.87 13.61 -3.34
CA PHE A 393 17.33 12.60 -2.38
C PHE A 393 17.71 11.40 -3.25
N MET A 394 19.01 11.15 -3.35
CA MET A 394 19.51 10.12 -4.27
C MET A 394 20.01 8.89 -3.59
N GLY A 395 19.73 7.75 -4.21
CA GLY A 395 20.22 6.50 -3.67
C GLY A 395 20.39 5.48 -4.78
N ILE A 396 21.25 4.50 -4.54
CA ILE A 396 21.47 3.46 -5.53
C ILE A 396 21.25 2.11 -4.87
N ALA A 397 20.45 1.26 -5.49
CA ALA A 397 20.19 -0.05 -4.90
C ALA A 397 20.60 -1.17 -5.83
N GLU A 398 21.20 -2.22 -5.28
CA GLU A 398 21.56 -3.37 -6.11
C GLU A 398 20.40 -4.38 -6.07
N LEU A 399 20.04 -4.97 -7.20
CA LEU A 399 18.94 -5.92 -7.20
C LEU A 399 19.40 -7.34 -6.88
N PHE A 400 18.73 -7.98 -5.92
CA PHE A 400 19.08 -9.36 -5.55
C PHE A 400 17.94 -10.33 -5.86
N GLU A 401 18.30 -11.60 -5.94
CA GLU A 401 17.35 -12.66 -6.16
C GLU A 401 17.84 -13.89 -5.39
N PRO A 402 16.96 -14.82 -5.03
CA PRO A 402 17.42 -16.00 -4.30
C PRO A 402 18.36 -16.88 -5.12
N ARG A 403 19.33 -17.52 -4.47
CA ARG A 403 20.20 -18.43 -5.22
C ARG A 403 19.41 -19.69 -5.58
N GLU A 404 18.50 -20.10 -4.69
CA GLU A 404 17.65 -21.27 -4.88
C GLU A 404 16.19 -20.99 -4.56
N ASP A 405 15.28 -21.87 -4.98
CA ASP A 405 13.87 -21.59 -4.80
C ASP A 405 13.27 -21.90 -3.44
N GLY A 406 14.07 -22.44 -2.53
CA GLY A 406 13.57 -22.70 -1.18
C GLY A 406 13.07 -24.09 -0.90
N SER A 407 12.83 -24.87 -1.94
CA SER A 407 12.33 -26.23 -1.72
C SER A 407 13.32 -27.08 -0.92
N LYS A 408 14.62 -26.83 -1.03
CA LYS A 408 15.59 -27.66 -0.30
C LYS A 408 15.87 -27.24 1.14
N ASP A 409 15.69 -25.97 1.48
CA ASP A 409 15.97 -25.49 2.83
C ASP A 409 14.77 -24.85 3.51
N ASN A 410 13.63 -24.81 2.82
CA ASN A 410 12.42 -24.17 3.33
C ASN A 410 12.61 -22.70 3.63
N ILE A 411 13.50 -22.07 2.87
CA ILE A 411 13.76 -20.63 3.03
C ILE A 411 13.35 -19.99 1.68
N TYR A 412 12.14 -19.46 1.64
CA TYR A 412 11.54 -18.90 0.44
C TYR A 412 11.75 -17.40 0.39
N LEU A 413 12.65 -16.98 -0.50
CA LEU A 413 13.03 -15.59 -0.58
C LEU A 413 12.41 -14.80 -1.71
N SER A 414 12.10 -13.53 -1.44
CA SER A 414 11.56 -12.67 -2.49
C SER A 414 12.69 -11.97 -3.24
N ARG A 415 12.32 -11.38 -4.36
CA ARG A 415 13.26 -10.64 -5.18
C ARG A 415 13.25 -9.15 -4.76
N SER A 416 14.38 -8.47 -4.89
CA SER A 416 14.38 -7.04 -4.61
C SER A 416 13.40 -6.36 -5.56
N TYR A 417 12.75 -5.26 -5.13
CA TYR A 417 11.84 -4.53 -6.02
C TYR A 417 12.63 -3.99 -7.20
N ASP A 418 12.16 -4.25 -8.42
CA ASP A 418 12.93 -3.92 -9.62
C ASP A 418 12.71 -2.55 -10.19
N ALA A 419 13.31 -2.31 -11.34
CA ALA A 419 13.24 -1.01 -11.99
C ALA A 419 11.96 -0.78 -12.79
N SER A 420 11.08 -1.77 -12.89
CA SER A 420 9.86 -1.56 -13.64
C SER A 420 8.98 -0.50 -13.01
N SER A 421 8.16 0.14 -13.83
CA SER A 421 7.36 1.29 -13.33
C SER A 421 6.07 0.90 -12.65
N HIS A 422 5.72 -0.37 -12.62
CA HIS A 422 4.46 -0.74 -11.97
C HIS A 422 4.63 -2.07 -11.26
N PHE A 423 3.61 -2.51 -10.54
CA PHE A 423 3.74 -3.70 -9.69
C PHE A 423 3.50 -5.07 -10.29
N GLU A 424 3.36 -5.24 -11.60
CA GLU A 424 3.08 -6.56 -12.09
C GLU A 424 4.22 -7.54 -11.77
N SER A 425 5.48 -7.14 -11.82
CA SER A 425 6.52 -8.13 -11.53
C SER A 425 6.55 -8.50 -10.05
N MET A 426 6.05 -7.62 -9.19
CA MET A 426 5.97 -7.95 -7.77
C MET A 426 4.87 -9.01 -7.58
N THR A 427 3.69 -8.85 -8.18
CA THR A 427 2.70 -9.89 -8.01
C THR A 427 3.15 -11.18 -8.72
N ASP A 428 3.96 -11.08 -9.78
CA ASP A 428 4.49 -12.33 -10.33
C ASP A 428 5.35 -12.99 -9.27
N ASP A 429 6.14 -12.22 -8.51
CA ASP A 429 6.96 -12.84 -7.47
C ASP A 429 6.04 -13.45 -6.39
N VAL A 430 4.98 -12.76 -5.98
CA VAL A 430 4.07 -13.30 -4.98
C VAL A 430 3.51 -14.64 -5.43
N LYS A 431 2.99 -14.71 -6.65
CA LYS A 431 2.42 -15.97 -7.14
C LYS A 431 3.50 -17.09 -7.20
N ASP A 432 4.71 -16.76 -7.64
CA ASP A 432 5.76 -17.78 -7.72
C ASP A 432 6.13 -18.26 -6.33
N ILE A 433 6.33 -17.35 -5.39
CA ILE A 433 6.65 -17.76 -4.03
C ILE A 433 5.54 -18.59 -3.42
N TYR A 434 4.30 -18.21 -3.67
CA TYR A 434 3.18 -18.97 -3.13
C TYR A 434 3.22 -20.41 -3.67
N PHE A 435 3.51 -20.56 -4.96
CA PHE A 435 3.58 -21.90 -5.56
C PHE A 435 4.72 -22.68 -4.91
N ARG A 436 5.89 -22.08 -4.75
CA ARG A 436 7.01 -22.75 -4.12
C ARG A 436 6.70 -23.17 -2.67
N VAL A 437 6.06 -22.29 -1.91
CA VAL A 437 5.72 -22.57 -0.53
C VAL A 437 4.64 -23.66 -0.37
N THR A 438 3.53 -23.54 -1.09
CA THR A 438 2.41 -24.46 -0.93
C THR A 438 2.39 -25.64 -1.89
N GLY A 439 3.09 -25.57 -3.00
CA GLY A 439 3.09 -26.68 -3.94
C GLY A 439 2.02 -26.56 -5.01
N HIS A 440 1.18 -25.53 -4.91
CA HIS A 440 0.13 -25.36 -5.91
C HIS A 440 -0.07 -23.89 -6.23
N PRO A 441 -0.63 -23.58 -7.40
CA PRO A 441 -0.83 -22.16 -7.73
C PRO A 441 -1.85 -21.43 -6.84
N LEU A 442 -1.65 -20.14 -6.65
CA LEU A 442 -2.60 -19.35 -5.88
C LEU A 442 -3.97 -19.31 -6.53
N VAL A 443 -5.02 -19.58 -5.76
CA VAL A 443 -6.37 -19.47 -6.26
C VAL A 443 -7.08 -18.51 -5.33
N LEU A 444 -7.40 -17.31 -5.80
CA LEU A 444 -8.06 -16.34 -4.95
C LEU A 444 -9.51 -16.65 -4.70
N LYS A 445 -9.92 -16.48 -3.45
CA LYS A 445 -11.30 -16.66 -3.08
C LYS A 445 -11.89 -15.28 -2.73
N GLN A 446 -13.17 -15.07 -2.99
CA GLN A 446 -13.76 -13.78 -2.68
C GLN A 446 -14.10 -13.74 -1.21
N ARG A 447 -13.49 -12.82 -0.47
CA ARG A 447 -13.76 -12.69 0.94
C ARG A 447 -15.23 -12.27 1.18
N GLN A 448 -15.87 -12.80 2.21
CA GLN A 448 -17.25 -12.42 2.53
C GLN A 448 -17.26 -11.51 3.78
N SER B 3 -29.26 3.47 3.15
CA SER B 3 -30.17 4.60 3.13
C SER B 3 -29.46 5.95 3.38
N GLU B 4 -30.22 7.03 3.60
CA GLU B 4 -29.62 8.36 3.80
C GLU B 4 -29.21 8.69 5.23
N TYR B 5 -28.21 9.55 5.35
CA TYR B 5 -27.72 9.99 6.64
C TYR B 5 -27.34 11.47 6.54
N ASP B 6 -27.21 12.15 7.67
CA ASP B 6 -26.80 13.55 7.65
C ASP B 6 -25.27 13.65 7.70
N TYR B 7 -24.63 12.87 8.56
CA TYR B 7 -23.16 12.89 8.65
C TYR B 7 -22.62 11.48 8.75
N LEU B 8 -21.42 11.26 8.22
CA LEU B 8 -20.74 9.96 8.30
C LEU B 8 -19.41 10.17 9.01
N PHE B 9 -19.19 9.51 10.15
CA PHE B 9 -17.96 9.68 10.90
C PHE B 9 -17.16 8.37 10.95
N LYS B 10 -15.84 8.46 11.02
CA LYS B 10 -14.97 7.30 11.17
C LYS B 10 -14.42 7.30 12.60
N LEU B 11 -14.71 6.24 13.37
CA LEU B 11 -14.21 6.14 14.73
C LEU B 11 -13.27 4.97 14.90
N LEU B 12 -12.30 5.10 15.81
CA LEU B 12 -11.37 4.00 16.09
C LEU B 12 -11.40 3.60 17.53
N LEU B 13 -11.12 2.33 17.80
CA LEU B 13 -10.90 1.91 19.17
C LEU B 13 -9.41 1.61 19.33
N ILE B 14 -8.82 1.99 20.43
CA ILE B 14 -7.41 1.71 20.66
C ILE B 14 -7.16 1.46 22.13
N GLY B 15 -6.09 0.77 22.48
CA GLY B 15 -5.79 0.46 23.86
C GLY B 15 -5.08 -0.87 23.94
N ASN B 16 -4.58 -1.22 25.11
CA ASN B 16 -3.86 -2.47 25.28
C ASN B 16 -4.68 -3.71 24.99
N SER B 17 -3.99 -4.79 24.63
CA SER B 17 -4.66 -6.06 24.41
C SER B 17 -5.41 -6.51 25.67
N GLY B 18 -6.62 -7.06 25.49
CA GLY B 18 -7.33 -7.63 26.63
C GLY B 18 -8.22 -6.73 27.44
N VAL B 19 -8.26 -5.45 27.12
CA VAL B 19 -9.10 -4.54 27.91
C VAL B 19 -10.56 -4.60 27.55
N GLY B 20 -10.93 -5.20 26.42
CA GLY B 20 -12.30 -5.32 26.01
C GLY B 20 -12.77 -4.49 24.84
N LYS B 21 -11.83 -4.06 23.99
CA LYS B 21 -12.21 -3.26 22.82
C LYS B 21 -13.17 -4.01 21.86
N SER B 22 -12.82 -5.25 21.49
CA SER B 22 -13.68 -5.99 20.60
C SER B 22 -15.06 -6.27 21.22
N CYS B 23 -15.07 -6.61 22.50
CA CYS B 23 -16.36 -6.85 23.17
C CYS B 23 -17.17 -5.54 23.25
N LEU B 24 -16.51 -4.40 23.47
CA LEU B 24 -17.28 -3.16 23.49
C LEU B 24 -17.92 -2.91 22.13
N LEU B 25 -17.19 -3.12 21.04
CA LEU B 25 -17.77 -2.90 19.75
C LEU B 25 -18.91 -3.87 19.47
N LEU B 26 -18.74 -5.14 19.83
CA LEU B 26 -19.80 -6.12 19.60
C LEU B 26 -21.04 -5.82 20.47
N ARG B 27 -20.84 -5.30 21.67
CA ARG B 27 -22.00 -4.97 22.49
C ARG B 27 -22.75 -3.80 21.83
N PHE B 28 -22.03 -2.80 21.33
CA PHE B 28 -22.69 -1.67 20.71
C PHE B 28 -23.35 -2.01 19.36
N SER B 29 -22.65 -2.78 18.54
N SER B 29 -22.63 -2.78 18.53
CA SER B 29 -23.17 -3.12 17.24
CA SER B 29 -23.14 -3.13 17.20
C SER B 29 -24.21 -4.22 17.21
C SER B 29 -24.18 -4.24 17.16
N ASP B 30 -23.93 -5.33 17.87
CA ASP B 30 -24.81 -6.50 17.85
C ASP B 30 -25.60 -6.76 19.11
N ASP B 31 -25.40 -5.98 20.16
N ASP B 31 -25.35 -5.96 20.15
CA ASP B 31 -26.12 -6.21 21.41
CA ASP B 31 -25.98 -6.12 21.45
C ASP B 31 -25.85 -7.61 21.93
C ASP B 31 -25.83 -7.54 21.97
N THR B 32 -24.62 -8.08 21.83
CA THR B 32 -24.28 -9.40 22.33
C THR B 32 -23.02 -9.32 23.15
N TYR B 33 -22.78 -10.31 23.99
CA TYR B 33 -21.58 -10.41 24.78
C TYR B 33 -21.30 -11.87 25.00
N THR B 34 -20.10 -12.29 24.69
CA THR B 34 -19.69 -13.66 24.88
C THR B 34 -18.70 -13.78 26.00
N ASN B 35 -18.99 -14.57 27.03
CA ASN B 35 -18.02 -14.70 28.10
C ASN B 35 -16.70 -15.33 27.61
N ASP B 36 -15.57 -14.95 28.19
CA ASP B 36 -14.27 -15.45 27.78
C ASP B 36 -14.14 -15.38 26.27
N TYR B 37 -14.51 -14.24 25.71
CA TYR B 37 -14.47 -14.03 24.28
C TYR B 37 -13.11 -14.31 23.66
N ILE B 38 -13.14 -15.12 22.58
CA ILE B 38 -11.96 -15.47 21.79
C ILE B 38 -12.45 -15.66 20.37
N SER B 39 -11.92 -14.92 19.42
CA SER B 39 -12.39 -15.11 18.07
C SER B 39 -11.24 -15.45 17.16
N THR B 40 -11.43 -16.45 16.29
CA THR B 40 -10.40 -16.84 15.34
C THR B 40 -10.24 -15.70 14.33
N ILE B 41 -11.35 -15.20 13.80
CA ILE B 41 -11.30 -14.07 12.88
C ILE B 41 -11.64 -12.80 13.67
N GLY B 42 -10.74 -11.82 13.70
CA GLY B 42 -11.02 -10.63 14.48
C GLY B 42 -12.02 -9.69 13.84
N VAL B 43 -12.65 -8.88 14.67
CA VAL B 43 -13.58 -7.90 14.12
C VAL B 43 -12.78 -6.89 13.27
N ASP B 44 -13.34 -6.48 12.13
CA ASP B 44 -12.64 -5.49 11.26
C ASP B 44 -13.23 -4.11 11.64
N PHE B 45 -14.46 -3.88 11.23
CA PHE B 45 -15.19 -2.68 11.62
C PHE B 45 -16.68 -2.97 11.60
N LYS B 46 -17.46 -2.09 12.22
CA LYS B 46 -18.91 -2.22 12.23
C LYS B 46 -19.51 -0.89 11.83
N ILE B 47 -20.64 -0.93 11.14
CA ILE B 47 -21.34 0.26 10.74
C ILE B 47 -22.67 0.36 11.49
N LYS B 48 -22.91 1.49 12.13
CA LYS B 48 -24.16 1.67 12.84
C LYS B 48 -24.69 3.06 12.62
N THR B 49 -25.97 3.19 12.35
CA THR B 49 -26.54 4.50 12.16
C THR B 49 -27.35 4.88 13.39
N VAL B 50 -27.08 6.04 13.97
CA VAL B 50 -27.83 6.47 15.16
C VAL B 50 -28.53 7.81 14.95
N GLU B 51 -29.55 8.09 15.74
CA GLU B 51 -30.22 9.37 15.67
C GLU B 51 -29.63 10.26 16.75
N LEU B 52 -29.02 11.36 16.36
CA LEU B 52 -28.37 12.21 17.32
C LEU B 52 -28.89 13.64 17.32
N ASP B 53 -29.62 14.00 18.38
CA ASP B 53 -30.17 15.33 18.52
C ASP B 53 -30.86 15.82 17.25
N GLY B 54 -31.67 14.95 16.63
CA GLY B 54 -32.38 15.33 15.43
C GLY B 54 -31.69 15.04 14.12
N LYS B 55 -30.44 14.58 14.17
CA LYS B 55 -29.70 14.27 12.95
C LYS B 55 -29.39 12.78 12.84
N THR B 56 -29.30 12.26 11.62
CA THR B 56 -28.98 10.86 11.40
C THR B 56 -27.48 10.74 11.20
N VAL B 57 -26.79 10.06 12.11
CA VAL B 57 -25.34 9.95 12.06
C VAL B 57 -24.89 8.50 11.79
N LYS B 58 -24.22 8.28 10.66
CA LYS B 58 -23.71 6.95 10.32
C LYS B 58 -22.31 6.82 10.88
N LEU B 59 -22.03 5.75 11.61
CA LEU B 59 -20.72 5.58 12.19
C LEU B 59 -20.00 4.34 11.65
N GLN B 60 -18.78 4.49 11.18
CA GLN B 60 -18.00 3.31 10.82
C GLN B 60 -16.97 3.22 11.94
N ILE B 61 -17.08 2.18 12.76
CA ILE B 61 -16.23 2.03 13.92
C ILE B 61 -15.23 0.90 13.72
N TRP B 62 -13.96 1.24 13.80
CA TRP B 62 -12.88 0.30 13.56
C TRP B 62 -12.30 -0.34 14.80
N ASP B 63 -11.91 -1.60 14.67
CA ASP B 63 -11.27 -2.33 15.75
C ASP B 63 -9.83 -2.68 15.34
N THR B 64 -8.99 -3.11 16.26
CA THR B 64 -7.57 -3.29 16.02
C THR B 64 -7.11 -4.60 15.40
N ALA B 65 -7.97 -5.59 15.31
CA ALA B 65 -7.58 -6.91 14.78
C ALA B 65 -6.34 -7.50 15.51
N GLY B 66 -6.15 -7.12 16.77
CA GLY B 66 -5.08 -7.65 17.56
C GLY B 66 -3.69 -7.09 17.30
N GLN B 67 -3.64 -6.09 16.42
CA GLN B 67 -2.33 -5.48 16.11
C GLN B 67 -1.70 -4.74 17.25
N GLU B 68 -2.48 -4.46 18.30
CA GLU B 68 -1.91 -3.79 19.45
C GLU B 68 -1.11 -4.73 20.36
N ARG B 69 -1.19 -6.04 20.13
CA ARG B 69 -0.51 -6.98 21.02
C ARG B 69 0.94 -6.62 21.28
N PHE B 70 1.70 -6.41 20.20
CA PHE B 70 3.08 -6.01 20.33
C PHE B 70 3.24 -4.60 19.77
N ARG B 71 2.18 -3.80 19.90
CA ARG B 71 2.22 -2.41 19.45
C ARG B 71 2.67 -2.26 17.99
N THR B 72 1.94 -2.89 17.06
N THR B 72 1.97 -2.95 17.10
CA THR B 72 2.27 -2.81 15.63
CA THR B 72 2.29 -2.90 15.70
C THR B 72 1.21 -2.09 14.78
C THR B 72 1.04 -2.48 14.94
N ILE B 73 0.54 -1.09 15.35
N ILE B 73 0.37 -1.44 15.42
CA ILE B 73 -0.42 -0.31 14.58
CA ILE B 73 -0.79 -0.95 14.71
C ILE B 73 0.27 0.98 14.08
C ILE B 73 -0.29 -0.31 13.44
N THR B 74 0.26 1.27 12.78
N THR B 74 -0.88 -0.67 12.31
CA THR B 74 0.90 2.52 12.33
CA THR B 74 -0.46 -0.07 11.05
C THR B 74 -0.05 3.45 11.54
C THR B 74 -0.86 1.41 11.06
N SER B 75 0.48 4.38 10.75
N SER B 75 0.08 2.32 10.81
CA SER B 75 -0.33 5.38 10.04
CA SER B 75 -0.24 3.74 10.84
C SER B 75 -1.67 4.95 9.37
C SER B 75 -1.45 4.12 9.99
N SER B 76 -1.71 3.81 8.69
N SER B 76 -1.74 3.35 8.94
CA SER B 76 -2.92 3.40 8.00
CA SER B 76 -2.91 3.64 8.10
C SER B 76 -4.21 3.36 8.83
C SER B 76 -4.20 3.53 8.91
N TYR B 77 -4.15 2.85 10.03
CA TYR B 77 -5.33 2.73 10.90
C TYR B 77 -5.94 4.09 11.24
N TYR B 78 -5.09 5.09 11.37
CA TYR B 78 -5.57 6.42 11.75
C TYR B 78 -6.04 7.28 10.59
N ARG B 79 -5.81 6.88 9.34
CA ARG B 79 -6.23 7.71 8.19
C ARG B 79 -7.70 8.11 8.22
N GLY B 80 -7.97 9.40 8.05
CA GLY B 80 -9.34 9.84 7.96
C GLY B 80 -10.19 9.68 9.20
N SER B 81 -9.55 9.42 10.33
CA SER B 81 -10.33 9.24 11.55
C SER B 81 -10.85 10.56 12.15
N HIS B 82 -12.07 10.53 12.64
CA HIS B 82 -12.67 11.72 13.26
C HIS B 82 -12.66 11.64 14.77
N GLY B 83 -12.71 10.43 15.31
CA GLY B 83 -12.72 10.28 16.76
C GLY B 83 -12.05 8.98 17.16
N ILE B 84 -11.41 8.98 18.31
CA ILE B 84 -10.72 7.80 18.81
C ILE B 84 -11.09 7.54 20.26
N ILE B 85 -11.56 6.33 20.53
CA ILE B 85 -11.90 5.92 21.88
C ILE B 85 -10.75 5.10 22.44
N ILE B 86 -10.10 5.60 23.47
CA ILE B 86 -8.99 4.92 24.11
C ILE B 86 -9.50 4.11 25.29
N VAL B 87 -9.26 2.81 25.26
CA VAL B 87 -9.79 1.96 26.32
C VAL B 87 -8.75 1.33 27.22
N TYR B 88 -9.06 1.26 28.50
CA TYR B 88 -8.22 0.54 29.48
C TYR B 88 -9.15 -0.34 30.31
N ASP B 89 -8.61 -1.18 31.13
CA ASP B 89 -9.35 -2.10 32.00
C ASP B 89 -9.21 -1.58 33.46
N VAL B 90 -10.32 -1.25 34.11
CA VAL B 90 -10.26 -0.72 35.47
C VAL B 90 -9.61 -1.67 36.45
N THR B 91 -9.46 -2.95 36.10
CA THR B 91 -8.81 -3.90 37.01
C THR B 91 -7.31 -4.09 36.65
N ASP B 92 -6.81 -3.38 35.64
CA ASP B 92 -5.43 -3.55 35.21
C ASP B 92 -4.69 -2.20 35.20
N GLN B 93 -3.88 -1.94 36.22
CA GLN B 93 -3.15 -0.69 36.31
C GLN B 93 -2.26 -0.43 35.08
N GLU B 94 -1.56 -1.45 34.61
CA GLU B 94 -0.70 -1.25 33.44
C GLU B 94 -1.49 -0.80 32.22
N SER B 95 -2.71 -1.29 32.04
CA SER B 95 -3.49 -0.87 30.89
C SER B 95 -3.83 0.61 31.01
N PHE B 96 -4.02 1.13 32.22
CA PHE B 96 -4.27 2.56 32.38
C PHE B 96 -2.95 3.30 32.11
N ASN B 97 -1.83 2.81 32.62
CA ASN B 97 -0.54 3.44 32.35
C ASN B 97 -0.30 3.50 30.84
N GLY B 98 -0.77 2.50 30.14
CA GLY B 98 -0.57 2.44 28.70
C GLY B 98 -1.25 3.55 27.93
N VAL B 99 -2.27 4.17 28.52
CA VAL B 99 -3.00 5.23 27.84
C VAL B 99 -2.06 6.39 27.43
N LYS B 100 -1.05 6.69 28.25
CA LYS B 100 -0.12 7.77 27.90
C LYS B 100 0.54 7.48 26.55
N MET B 101 1.01 6.25 26.37
CA MET B 101 1.64 5.84 25.11
C MET B 101 0.64 5.93 23.95
N TRP B 102 -0.58 5.44 24.11
CA TRP B 102 -1.55 5.54 23.04
C TRP B 102 -1.83 7.02 22.68
N LEU B 103 -1.88 7.91 23.67
CA LEU B 103 -2.08 9.31 23.35
C LEU B 103 -0.91 9.84 22.50
N GLN B 104 0.33 9.41 22.76
CA GLN B 104 1.48 9.83 21.96
C GLN B 104 1.33 9.28 20.53
N GLU B 105 0.82 8.06 20.38
CA GLU B 105 0.63 7.52 19.02
C GLU B 105 -0.41 8.33 18.26
N ILE B 106 -1.52 8.69 18.92
CA ILE B 106 -2.56 9.46 18.29
C ILE B 106 -2.00 10.84 17.88
N ASP B 107 -1.21 11.46 18.74
CA ASP B 107 -0.61 12.75 18.44
C ASP B 107 0.27 12.64 17.17
N ARG B 108 0.95 11.52 17.02
CA ARG B 108 1.85 11.30 15.90
C ARG B 108 1.14 11.00 14.59
N TYR B 109 0.10 10.17 14.61
CA TYR B 109 -0.55 9.75 13.36
C TYR B 109 -1.89 10.38 13.01
N ALA B 110 -2.68 10.80 13.97
CA ALA B 110 -3.97 11.35 13.63
C ALA B 110 -3.90 12.85 13.45
N THR B 111 -4.96 13.43 12.91
CA THR B 111 -5.04 14.87 12.74
C THR B 111 -5.05 15.56 14.11
N SER B 112 -4.56 16.80 14.19
CA SER B 112 -4.53 17.50 15.48
C SER B 112 -5.93 17.79 16.00
N THR B 113 -6.93 17.76 15.12
CA THR B 113 -8.29 18.06 15.54
C THR B 113 -9.12 16.79 15.86
N VAL B 114 -8.51 15.61 15.84
CA VAL B 114 -9.28 14.39 16.14
C VAL B 114 -9.85 14.43 17.57
N LEU B 115 -11.06 13.93 17.76
CA LEU B 115 -11.69 13.91 19.08
C LEU B 115 -11.25 12.64 19.81
N LYS B 116 -11.15 12.71 21.13
CA LYS B 116 -10.75 11.58 21.94
C LYS B 116 -11.66 11.39 23.12
N LEU B 117 -11.86 10.12 23.51
CA LEU B 117 -12.67 9.77 24.67
C LEU B 117 -11.95 8.69 25.45
N LEU B 118 -11.91 8.80 26.77
CA LEU B 118 -11.27 7.77 27.59
C LEU B 118 -12.34 6.84 28.17
N VAL B 119 -12.16 5.52 28.01
CA VAL B 119 -13.10 4.55 28.54
C VAL B 119 -12.40 3.56 29.48
N GLY B 120 -12.91 3.44 30.71
CA GLY B 120 -12.36 2.46 31.63
C GLY B 120 -13.37 1.32 31.59
N ASN B 121 -13.01 0.18 30.98
CA ASN B 121 -13.92 -0.94 30.84
C ASN B 121 -13.81 -1.99 31.96
N LYS B 122 -14.75 -2.93 31.94
CA LYS B 122 -14.88 -4.02 32.94
C LYS B 122 -15.30 -3.47 34.32
N CYS B 123 -16.10 -2.40 34.31
CA CYS B 123 -16.55 -1.82 35.58
C CYS B 123 -17.47 -2.78 36.35
N ASP B 124 -17.85 -3.91 35.75
CA ASP B 124 -18.67 -4.90 36.46
C ASP B 124 -17.81 -5.67 37.47
N LEU B 125 -16.49 -5.66 37.29
CA LEU B 125 -15.60 -6.36 38.21
C LEU B 125 -15.31 -5.45 39.42
N LYS B 126 -16.34 -5.25 40.24
CA LYS B 126 -16.19 -4.34 41.37
C LYS B 126 -15.11 -4.76 42.38
N ASP B 127 -14.97 -6.06 42.63
CA ASP B 127 -13.98 -6.51 43.59
C ASP B 127 -12.56 -6.33 43.09
N LYS B 128 -12.35 -6.42 41.77
CA LYS B 128 -10.98 -6.32 41.24
C LYS B 128 -10.58 -4.94 40.74
N ARG B 129 -11.42 -3.93 40.86
CA ARG B 129 -11.01 -2.60 40.42
C ARG B 129 -9.76 -2.09 41.15
N VAL B 130 -8.80 -1.55 40.40
CA VAL B 130 -7.60 -0.97 40.98
C VAL B 130 -7.41 0.48 40.50
N VAL B 131 -8.00 0.85 39.37
CA VAL B 131 -7.88 2.24 38.90
C VAL B 131 -9.10 3.03 39.44
N GLU B 132 -8.85 3.94 40.39
CA GLU B 132 -9.94 4.71 40.96
C GLU B 132 -10.54 5.69 39.99
N TYR B 133 -11.86 5.85 40.03
CA TYR B 133 -12.54 6.77 39.15
C TYR B 133 -11.93 8.17 39.21
N ASP B 134 -11.72 8.72 40.40
CA ASP B 134 -11.18 10.07 40.47
C ASP B 134 -9.81 10.23 39.81
N VAL B 135 -8.94 9.23 39.93
CA VAL B 135 -7.63 9.31 39.31
C VAL B 135 -7.78 9.28 37.79
N ALA B 136 -8.60 8.40 37.26
CA ALA B 136 -8.80 8.38 35.81
C ALA B 136 -9.48 9.66 35.31
N LYS B 137 -10.43 10.21 36.05
CA LYS B 137 -11.11 11.43 35.64
C LYS B 137 -10.13 12.59 35.60
N GLU B 138 -9.27 12.68 36.59
CA GLU B 138 -8.28 13.76 36.61
C GLU B 138 -7.36 13.64 35.40
N PHE B 139 -6.95 12.42 35.10
CA PHE B 139 -6.08 12.20 33.95
C PHE B 139 -6.82 12.56 32.65
N ALA B 140 -8.08 12.17 32.52
CA ALA B 140 -8.81 12.51 31.30
C ALA B 140 -8.90 14.05 31.14
N ASP B 141 -9.24 14.73 32.22
CA ASP B 141 -9.35 16.19 32.17
C ASP B 141 -8.01 16.79 31.74
N ALA B 142 -6.90 16.26 32.24
CA ALA B 142 -5.57 16.77 31.90
C ALA B 142 -5.21 16.50 30.45
N ASN B 143 -5.90 15.58 29.82
CA ASN B 143 -5.63 15.27 28.41
C ASN B 143 -6.76 15.64 27.51
N LYS B 144 -7.58 16.60 27.96
CA LYS B 144 -8.69 17.13 27.18
C LYS B 144 -9.69 16.11 26.65
N MET B 145 -10.06 15.11 27.42
CA MET B 145 -11.05 14.21 26.89
C MET B 145 -12.04 13.80 27.95
N PRO B 146 -13.30 13.54 27.51
CA PRO B 146 -14.37 13.11 28.41
C PRO B 146 -14.00 11.67 28.89
N PHE B 147 -14.67 11.20 29.92
CA PHE B 147 -14.35 9.91 30.52
C PHE B 147 -15.60 9.17 30.95
N LEU B 148 -15.64 7.87 30.65
CA LEU B 148 -16.75 7.01 31.06
C LEU B 148 -16.24 5.66 31.48
N GLU B 149 -16.86 5.05 32.48
CA GLU B 149 -16.50 3.69 32.84
C GLU B 149 -17.58 2.80 32.29
N THR B 150 -17.20 1.74 31.60
CA THR B 150 -18.15 0.87 30.92
C THR B 150 -18.01 -0.59 31.27
N SER B 151 -19.02 -1.35 30.86
CA SER B 151 -18.93 -2.81 30.95
C SER B 151 -19.56 -3.40 29.69
N ALA B 152 -18.75 -3.98 28.80
CA ALA B 152 -19.33 -4.63 27.66
C ALA B 152 -20.17 -5.84 28.17
N LEU B 153 -19.74 -6.43 29.29
CA LEU B 153 -20.46 -7.59 29.86
C LEU B 153 -21.89 -7.27 30.28
N ASP B 154 -22.12 -6.20 31.07
CA ASP B 154 -23.48 -5.92 31.49
C ASP B 154 -24.12 -4.70 30.81
N SER B 155 -23.41 -4.12 29.83
CA SER B 155 -23.84 -2.97 29.00
C SER B 155 -23.65 -1.59 29.62
N THR B 156 -23.23 -1.49 30.86
CA THR B 156 -23.07 -0.17 31.49
C THR B 156 -22.32 0.85 30.62
N ASN B 157 -22.99 1.97 30.31
CA ASN B 157 -22.45 3.10 29.54
C ASN B 157 -21.93 2.75 28.15
N VAL B 158 -22.19 1.55 27.62
CA VAL B 158 -21.61 1.25 26.30
C VAL B 158 -22.23 2.09 25.21
N GLU B 159 -23.54 2.13 25.11
CA GLU B 159 -24.14 2.97 24.08
C GLU B 159 -23.76 4.41 24.34
N ASP B 160 -23.79 4.87 25.58
CA ASP B 160 -23.44 6.25 25.86
C ASP B 160 -21.99 6.60 25.50
N ALA B 161 -21.05 5.65 25.58
CA ALA B 161 -19.69 5.97 25.20
C ALA B 161 -19.61 6.28 23.70
N PHE B 162 -20.22 5.46 22.87
CA PHE B 162 -20.19 5.74 21.44
C PHE B 162 -21.01 6.98 21.09
N LEU B 163 -22.17 7.20 21.72
CA LEU B 163 -22.96 8.40 21.41
C LEU B 163 -22.22 9.63 21.89
N THR B 164 -21.50 9.53 23.00
CA THR B 164 -20.74 10.68 23.49
C THR B 164 -19.67 11.07 22.46
N MET B 165 -18.99 10.09 21.87
CA MET B 165 -17.98 10.40 20.88
C MET B 165 -18.66 10.97 19.62
N ALA B 166 -19.79 10.41 19.18
CA ALA B 166 -20.47 10.95 18.00
C ALA B 166 -20.85 12.43 18.25
N ARG B 167 -21.30 12.75 19.45
CA ARG B 167 -21.65 14.14 19.74
C ARG B 167 -20.43 15.03 19.80
N GLN B 168 -19.33 14.53 20.35
CA GLN B 168 -18.09 15.30 20.41
C GLN B 168 -17.69 15.75 19.02
N ILE B 169 -17.74 14.83 18.07
CA ILE B 169 -17.35 15.14 16.70
C ILE B 169 -18.34 16.11 16.05
N LYS B 170 -19.63 15.80 16.09
CA LYS B 170 -20.66 16.65 15.49
C LYS B 170 -20.62 18.08 16.04
N GLU B 171 -20.41 18.25 17.34
CA GLU B 171 -20.43 19.58 17.93
C GLU B 171 -19.10 20.34 17.87
N SER B 172 -17.99 19.64 17.65
CA SER B 172 -16.67 20.28 17.63
C SER B 172 -16.12 20.59 16.24
N MET B 173 -16.54 19.84 15.23
CA MET B 173 -16.04 20.08 13.88
C MET B 173 -16.34 21.46 13.34
N SER B 174 -15.42 22.00 12.55
CA SER B 174 -15.64 23.28 11.90
C SER B 174 -16.74 23.09 10.84
N GLN B 175 -17.33 24.16 10.31
CA GLN B 175 -18.37 23.94 9.32
C GLN B 175 -17.83 23.23 8.08
N GLN B 176 -16.61 23.56 7.71
CA GLN B 176 -15.99 22.95 6.56
C GLN B 176 -15.80 21.44 6.79
N ASN B 177 -15.26 21.04 7.94
CA ASN B 177 -15.06 19.62 8.24
C ASN B 177 -16.40 18.86 8.35
N LEU B 178 -17.41 19.47 8.95
CA LEU B 178 -18.70 18.81 9.05
C LEU B 178 -19.29 18.62 7.64
N ASN B 179 -19.14 19.63 6.77
CA ASN B 179 -19.67 19.50 5.43
C ASN B 179 -19.03 18.34 4.68
N GLU B 180 -17.75 18.10 4.93
CA GLU B 180 -17.06 17.00 4.26
C GLU B 180 -17.63 15.62 4.67
N THR B 181 -18.41 15.55 5.75
CA THR B 181 -18.95 14.26 6.18
C THR B 181 -20.40 14.05 5.72
N THR B 182 -21.00 15.04 5.06
CA THR B 182 -22.38 14.91 4.60
C THR B 182 -22.49 13.94 3.41
N GLN B 183 -23.66 13.34 3.25
CA GLN B 183 -23.90 12.37 2.18
C GLN B 183 -23.62 12.96 0.79
N LYS B 184 -23.92 14.24 0.60
CA LYS B 184 -23.68 14.90 -0.70
C LYS B 184 -22.18 14.89 -1.06
N LYS B 185 -21.30 14.89 -0.05
CA LYS B 185 -19.86 14.89 -0.27
C LYS B 185 -19.20 13.53 -0.02
N GLU B 186 -19.95 12.44 -0.16
CA GLU B 186 -19.40 11.10 0.05
C GLU B 186 -18.37 10.72 -1.03
N ASP B 187 -18.62 11.08 -2.28
CA ASP B 187 -17.67 10.78 -3.34
C ASP B 187 -16.43 11.68 -3.28
N LYS B 188 -15.28 11.10 -2.92
CA LYS B 188 -14.05 11.88 -2.80
C LYS B 188 -13.20 11.87 -4.08
N GLY B 189 -13.74 11.33 -5.17
CA GLY B 189 -12.96 11.31 -6.39
C GLY B 189 -12.02 10.12 -6.51
N ASN B 190 -12.25 9.10 -5.68
CA ASN B 190 -11.45 7.89 -5.73
C ASN B 190 -12.13 6.88 -6.63
N VAL B 191 -11.43 5.86 -7.09
CA VAL B 191 -12.07 4.92 -7.96
C VAL B 191 -12.64 3.73 -7.20
N ASN B 192 -13.68 3.12 -7.74
CA ASN B 192 -14.24 1.92 -7.14
C ASN B 192 -13.71 0.74 -7.95
N LEU B 193 -12.81 -0.06 -7.35
CA LEU B 193 -12.21 -1.20 -8.05
C LEU B 193 -13.22 -2.27 -8.44
N LYS B 194 -14.44 -2.25 -7.89
CA LYS B 194 -15.45 -3.25 -8.24
C LYS B 194 -16.47 -2.72 -9.28
N GLY B 195 -16.42 -1.44 -9.61
CA GLY B 195 -17.36 -0.89 -10.58
C GLY B 195 -17.16 -1.38 -12.00
N GLN B 196 -18.19 -1.26 -12.84
CA GLN B 196 -18.10 -1.71 -14.24
C GLN B 196 -17.19 -0.79 -15.07
N SER B 197 -16.44 -1.37 -16.02
CA SER B 197 -15.55 -0.58 -16.88
C SER B 197 -16.31 0.54 -17.60
N LEU B 198 -15.59 1.55 -18.09
CA LEU B 198 -16.21 2.66 -18.80
C LEU B 198 -16.16 2.51 -20.34
N CYS B 206 -12.98 -1.85 -25.87
CA CYS B 206 -11.67 -2.39 -26.25
C CYS B 206 -11.80 -3.75 -26.95
MG MG C . -9.70 -7.18 20.14
C1 GER D . -8.52 -0.02 -25.39
C2 GER D . -7.55 1.15 -25.59
C3 GER D . -7.90 2.45 -25.87
C4 GER D . -9.39 2.77 -26.02
C5 GER D . -6.78 3.52 -26.02
C6 GER D . -5.28 3.24 -25.87
C7 GER D . -4.57 3.27 -27.22
C8 GER D . -3.24 3.51 -27.33
C9 GER D . -2.45 3.76 -26.04
C10 GER D . -2.69 3.51 -28.79
C11 GER D . -2.33 4.79 -29.55
C12 GER D . -2.66 4.64 -31.02
C13 GER D . -2.45 5.59 -31.99
C14 GER D . -1.83 6.93 -31.58
C15 GER D . -2.83 5.27 -33.45
C16 GER D . -4.16 5.63 -34.09
C17 GER D . -5.24 4.62 -33.73
C18 GER D . -6.57 4.94 -33.70
C19 GER D . -6.96 6.39 -34.07
C20 GER D . -7.50 3.78 -33.30
PB GDP E . -9.43 -6.64 23.30
O1B GDP E . -8.23 -7.46 23.32
O2B GDP E . -9.21 -5.26 23.89
O3B GDP E . -10.09 -6.47 21.97
O3A GDP E . -10.69 -7.16 24.32
PA GDP E . -11.49 -8.50 24.09
O1A GDP E . -12.71 -7.89 23.69
O2A GDP E . -11.01 -9.56 23.11
O5' GDP E . -11.69 -9.00 25.59
C5' GDP E . -10.66 -9.59 26.31
C4' GDP E . -11.23 -10.41 27.44
O4' GDP E . -11.95 -9.66 28.51
C3' GDP E . -12.30 -11.49 27.04
O3' GDP E . -12.10 -12.63 27.96
C2' GDP E . -13.62 -10.84 27.33
O2' GDP E . -14.71 -11.75 27.50
C1' GDP E . -13.31 -9.98 28.53
N9 GDP E . -14.11 -8.74 28.63
C8 GDP E . -14.35 -7.77 27.70
N7 GDP E . -15.10 -6.84 28.13
C5 GDP E . -15.40 -7.17 29.46
C6 GDP E . -16.19 -6.51 30.43
O6 GDP E . -16.81 -5.46 30.27
N1 GDP E . -16.23 -7.19 31.65
C2 GDP E . -15.58 -8.39 31.91
N2 GDP E . -15.73 -8.89 33.14
N3 GDP E . -14.82 -9.04 30.98
C4 GDP E . -14.80 -8.35 29.81
#